data_7OO2
#
_entry.id   7OO2
#
_cell.length_a   83.012
_cell.length_b   85.349
_cell.length_c   123.272
_cell.angle_alpha   90.000
_cell.angle_beta   90.000
_cell.angle_gamma   90.000
#
_symmetry.space_group_name_H-M   'P 21 21 21'
#
loop_
_entity.id
_entity.type
_entity.pdbx_description
1 polymer 'anti-MenX Fab heavy chain'
2 polymer 'anti-MenX Fab light chain'
3 non-polymer 'THIOCYANATE ION'
4 water water
#
loop_
_entity_poly.entity_id
_entity_poly.type
_entity_poly.pdbx_seq_one_letter_code
_entity_poly.pdbx_strand_id
1 'polypeptide(L)'
;QVQLKESGPGLVAPSQSLSITCTVSGFSLSRYSVHWVRQPPGKGLEWLGMIWGGGSTDYNSALKSRLSISKDNSKSQVFL
KMNSLQTDDTAMYYCARNYRGFAYWGQGTLVTVSAAKTTAPSVYPLAPVCGDTTGSSVTLGCLVKGYFPEPVTLTWNSGS
LSSGVHTFPAVLQSDLYTLSSSVTVTSSTWPSQSITCNVAHPASSTKVDKKIEPRGPTIKPHHHHHH
;
A,C
2 'polypeptide(L)'
;ETTVTQSPASLSVATGEKVTIRCITSTDIDDDMTWYQQKPGEPPKLLISEATTLRPGVPSRFSASGYGTDFVFTIENTLS
EDVADYYCLQSDNMPYTFGGGTKLEIKRADAAPTVSIFPPSSEQLTSGGASVVCFLNNFYPKDINVKWKIDGSERQNGVL
NSWTDQDSKDSTYSMSSTLTLTKDEYERHNSYTCEATHKTSTSPIVKSFNRNEC
;
B,D
#
# COMPACT_ATOMS: atom_id res chain seq x y z
N GLN A 1 -0.71 35.75 30.28
CA GLN A 1 0.68 35.71 29.75
C GLN A 1 1.39 34.52 30.39
N VAL A 2 0.63 33.46 30.66
CA VAL A 2 1.20 32.21 31.17
C VAL A 2 1.47 31.32 29.97
N GLN A 3 2.73 30.99 29.75
CA GLN A 3 3.15 30.26 28.56
C GLN A 3 4.14 29.18 28.93
N LEU A 4 4.10 28.10 28.15
CA LEU A 4 5.07 27.00 28.21
C LEU A 4 5.36 26.58 26.78
N LYS A 5 6.60 26.21 26.51
CA LYS A 5 6.97 25.76 25.18
C LYS A 5 7.99 24.64 25.30
N GLU A 6 7.74 23.54 24.60
CA GLU A 6 8.63 22.39 24.62
C GLU A 6 9.66 22.51 23.50
N SER A 7 10.91 22.24 23.82
CA SER A 7 11.99 22.18 22.84
C SER A 7 12.61 20.79 22.92
N GLY A 8 12.43 20.00 21.86
CA GLY A 8 12.86 18.62 21.85
C GLY A 8 13.59 18.23 20.58
N PRO A 9 14.03 16.97 20.51
CA PRO A 9 14.87 16.55 19.38
C PRO A 9 14.10 16.20 18.13
N GLY A 10 12.89 15.66 18.27
CA GLY A 10 12.11 15.28 17.11
C GLY A 10 12.33 13.84 16.68
N LEU A 11 13.57 13.48 16.36
CA LEU A 11 13.90 12.15 15.88
C LEU A 11 15.01 11.55 16.75
N VAL A 12 14.66 10.49 17.48
CA VAL A 12 15.61 9.77 18.33
C VAL A 12 15.73 8.33 17.84
N ALA A 13 16.96 7.76 17.93
CA ALA A 13 17.14 6.35 17.62
C ALA A 13 16.85 5.48 18.84
N PRO A 14 16.32 4.28 18.64
CA PRO A 14 16.06 3.39 19.79
C PRO A 14 17.34 3.07 20.55
N SER A 15 17.21 2.94 21.87
CA SER A 15 18.28 2.66 22.82
C SER A 15 19.04 3.93 23.20
N GLN A 16 18.71 5.07 22.62
CA GLN A 16 19.38 6.34 22.89
C GLN A 16 18.58 7.16 23.90
N SER A 17 19.10 8.34 24.22
CA SER A 17 18.51 9.21 25.24
C SER A 17 17.69 10.32 24.60
N LEU A 18 16.76 10.86 25.38
CA LEU A 18 15.87 11.94 24.94
C LEU A 18 15.94 13.06 25.96
N SER A 19 15.99 14.30 25.46
CA SER A 19 16.01 15.48 26.32
C SER A 19 15.03 16.51 25.76
N ILE A 20 14.11 16.97 26.61
CA ILE A 20 13.13 17.98 26.25
C ILE A 20 13.27 19.13 27.22
N THR A 21 13.28 20.35 26.69
CA THR A 21 13.33 21.57 27.49
C THR A 21 11.95 22.23 27.46
N CYS A 22 11.43 22.56 28.63
CA CYS A 22 10.17 23.29 28.77
C CYS A 22 10.48 24.70 29.26
N THR A 23 10.41 25.67 28.35
CA THR A 23 10.64 27.08 28.67
C THR A 23 9.32 27.76 29.00
N VAL A 24 9.21 28.27 30.22
CA VAL A 24 7.97 28.89 30.70
C VAL A 24 8.20 30.39 30.93
N SER A 25 7.10 31.11 31.00
CA SER A 25 7.12 32.56 31.25
C SER A 25 5.77 32.96 31.83
N GLY A 26 5.78 34.07 32.55
CA GLY A 26 4.56 34.59 33.15
C GLY A 26 4.28 34.08 34.54
N PHE A 27 5.15 33.24 35.09
CA PHE A 27 5.02 32.73 36.45
C PHE A 27 6.38 32.21 36.88
N SER A 28 6.56 32.06 38.19
CA SER A 28 7.82 31.64 38.76
C SER A 28 7.77 30.13 39.04
N LEU A 29 8.79 29.41 38.55
CA LEU A 29 8.84 27.97 38.74
C LEU A 29 8.94 27.58 40.21
N SER A 30 9.50 28.46 41.04
CA SER A 30 9.68 28.15 42.46
C SER A 30 8.37 28.07 43.23
N ARG A 31 7.25 28.48 42.62
CA ARG A 31 5.96 28.54 43.28
C ARG A 31 4.90 27.65 42.63
N TYR A 32 5.18 27.11 41.44
CA TYR A 32 4.22 26.29 40.71
C TYR A 32 4.85 24.98 40.28
N SER A 33 4.02 23.95 40.19
CA SER A 33 4.45 22.65 39.70
C SER A 33 4.30 22.56 38.18
N VAL A 34 5.28 21.95 37.53
CA VAL A 34 5.25 21.67 36.10
C VAL A 34 5.17 20.17 35.92
N HIS A 35 4.22 19.73 35.10
CA HIS A 35 4.00 18.32 34.83
C HIS A 35 4.39 17.99 33.40
N TRP A 36 4.70 16.70 33.17
CA TRP A 36 4.98 16.18 31.84
C TRP A 36 3.95 15.12 31.51
N VAL A 37 3.39 15.23 30.30
CA VAL A 37 2.37 14.32 29.81
C VAL A 37 2.74 13.97 28.37
N ARG A 38 2.41 12.76 27.97
CA ARG A 38 2.67 12.34 26.59
C ARG A 38 1.43 11.68 26.01
N GLN A 39 1.37 11.68 24.69
CA GLN A 39 0.20 11.19 23.95
C GLN A 39 0.70 10.44 22.73
N PRO A 40 0.77 9.11 22.79
CA PRO A 40 1.14 8.34 21.60
C PRO A 40 0.22 8.70 20.46
N PRO A 41 0.73 8.79 19.23
CA PRO A 41 -0.12 9.24 18.12
C PRO A 41 -1.43 8.47 18.04
N GLY A 42 -2.54 9.19 18.17
CA GLY A 42 -3.85 8.58 18.09
C GLY A 42 -4.34 7.91 19.36
N LYS A 43 -3.63 8.04 20.47
CA LYS A 43 -4.02 7.38 21.72
C LYS A 43 -4.30 8.42 22.80
N GLY A 44 -4.50 7.94 24.03
CA GLY A 44 -4.84 8.79 25.15
C GLY A 44 -3.65 9.43 25.82
N LEU A 45 -3.93 10.09 26.95
CA LEU A 45 -2.93 10.85 27.67
C LEU A 45 -2.34 10.02 28.80
N GLU A 46 -1.02 10.14 28.98
CA GLU A 46 -0.31 9.43 30.04
C GLU A 46 0.48 10.46 30.84
N TRP A 47 0.23 10.51 32.14
CA TRP A 47 1.01 11.37 33.02
C TRP A 47 2.38 10.74 33.22
N LEU A 48 3.43 11.51 32.92
CA LEU A 48 4.80 10.99 33.00
C LEU A 48 5.45 11.30 34.34
N GLY A 49 5.24 12.51 34.85
CA GLY A 49 5.89 12.92 36.08
C GLY A 49 5.73 14.40 36.29
N MET A 50 6.46 14.92 37.27
CA MET A 50 6.31 16.31 37.66
C MET A 50 7.54 16.78 38.41
N ILE A 51 7.61 18.10 38.60
CA ILE A 51 8.60 18.71 39.48
C ILE A 51 7.91 19.84 40.24
N TRP A 52 7.99 19.79 41.57
CA TRP A 52 7.32 20.74 42.43
C TRP A 52 8.03 22.10 42.39
N GLY A 53 7.35 23.11 42.94
CA GLY A 53 7.98 24.41 43.08
C GLY A 53 9.26 24.35 43.90
N GLY A 54 9.22 23.62 45.02
CA GLY A 54 10.38 23.52 45.87
C GLY A 54 11.53 22.74 45.26
N GLY A 55 11.22 21.82 44.36
CA GLY A 55 12.23 21.03 43.67
C GLY A 55 12.10 19.52 43.81
N SER A 56 11.17 19.03 44.62
CA SER A 56 10.97 17.59 44.72
C SER A 56 10.35 17.06 43.42
N THR A 57 10.61 15.78 43.15
CA THR A 57 10.14 15.12 41.93
C THR A 57 9.32 13.89 42.28
N ASP A 58 8.28 13.65 41.48
CA ASP A 58 7.48 12.44 41.57
C ASP A 58 7.33 11.90 40.15
N TYR A 59 7.79 10.68 39.91
CA TYR A 59 7.72 10.11 38.57
C TYR A 59 6.67 9.00 38.53
N ASN A 60 6.19 8.73 37.32
CA ASN A 60 5.30 7.59 37.09
C ASN A 60 6.07 6.28 37.22
N SER A 61 5.56 5.38 38.05
CA SER A 61 6.25 4.13 38.34
C SER A 61 6.59 3.36 37.07
N ALA A 62 5.69 3.40 36.08
CA ALA A 62 5.88 2.60 34.88
C ALA A 62 7.19 2.94 34.19
N LEU A 63 7.57 4.21 34.19
CA LEU A 63 8.77 4.68 33.52
C LEU A 63 9.82 5.23 34.48
N LYS A 64 9.55 5.21 35.79
CA LYS A 64 10.40 5.83 36.78
C LYS A 64 11.88 5.53 36.56
N SER A 65 12.20 4.31 36.12
CA SER A 65 13.59 3.93 35.97
C SER A 65 14.29 4.78 34.90
N ARG A 66 13.57 5.14 33.84
CA ARG A 66 14.16 5.88 32.75
C ARG A 66 13.80 7.36 32.73
N LEU A 67 12.91 7.81 33.61
CA LEU A 67 12.45 9.19 33.59
C LEU A 67 13.22 10.01 34.62
N SER A 68 13.60 11.22 34.23
CA SER A 68 14.30 12.13 35.13
C SER A 68 13.95 13.56 34.77
N ILE A 69 13.58 14.35 35.79
CA ILE A 69 13.16 15.73 35.61
C ILE A 69 14.01 16.62 36.50
N SER A 70 14.52 17.71 35.93
CA SER A 70 15.24 18.74 36.65
C SER A 70 14.72 20.10 36.17
N LYS A 71 15.28 21.18 36.71
CA LYS A 71 14.82 22.51 36.34
C LYS A 71 15.83 23.55 36.82
N ASP A 72 15.67 24.76 36.31
CA ASP A 72 16.47 25.93 36.70
C ASP A 72 15.50 27.10 36.92
N ASN A 73 15.18 27.37 38.18
CA ASN A 73 14.21 28.42 38.48
C ASN A 73 14.62 29.76 37.90
N SER A 74 15.93 30.03 37.83
CA SER A 74 16.39 31.33 37.35
C SER A 74 16.04 31.52 35.88
N LYS A 75 16.28 30.51 35.05
CA LYS A 75 16.08 30.62 33.61
C LYS A 75 14.69 30.19 33.16
N SER A 76 13.78 29.90 34.10
CA SER A 76 12.42 29.46 33.78
C SER A 76 12.44 28.27 32.82
N GLN A 77 13.19 27.24 33.18
CA GLN A 77 13.36 26.07 32.33
C GLN A 77 13.23 24.81 33.14
N VAL A 78 12.41 23.87 32.65
CA VAL A 78 12.30 22.53 33.20
C VAL A 78 12.79 21.55 32.14
N PHE A 79 13.48 20.49 32.56
CA PHE A 79 14.15 19.55 31.67
C PHE A 79 13.61 18.15 31.90
N LEU A 80 13.37 17.42 30.81
CA LEU A 80 12.97 16.01 30.84
C LEU A 80 14.06 15.15 30.21
N LYS A 81 14.33 14.01 30.83
CA LYS A 81 15.32 13.05 30.34
C LYS A 81 14.75 11.64 30.38
N MET A 82 14.90 10.92 29.26
CA MET A 82 14.41 9.55 29.13
C MET A 82 15.52 8.64 28.63
N ASN A 83 15.75 7.54 29.36
CA ASN A 83 16.77 6.56 29.00
C ASN A 83 16.10 5.36 28.33
N SER A 84 16.93 4.56 27.65
CA SER A 84 16.48 3.29 27.06
C SER A 84 15.24 3.49 26.20
N LEU A 85 15.31 4.45 25.29
CA LEU A 85 14.16 4.76 24.44
C LEU A 85 13.85 3.60 23.50
N GLN A 86 12.57 3.44 23.20
CA GLN A 86 12.06 2.34 22.38
C GLN A 86 10.95 2.84 21.48
N THR A 87 10.56 2.00 20.52
CA THR A 87 9.60 2.44 19.51
C THR A 87 8.27 2.82 20.13
N ASP A 88 7.88 2.14 21.21
CA ASP A 88 6.63 2.46 21.89
C ASP A 88 6.73 3.72 22.75
N ASP A 89 7.85 4.43 22.68
CA ASP A 89 7.96 5.74 23.31
C ASP A 89 7.66 6.87 22.33
N THR A 90 7.45 6.57 21.05
CA THR A 90 6.98 7.57 20.10
C THR A 90 5.67 8.19 20.59
N ALA A 91 5.65 9.52 20.67
CA ALA A 91 4.48 10.22 21.20
C ALA A 91 4.71 11.73 21.08
N MET A 92 3.61 12.47 21.26
CA MET A 92 3.68 13.91 21.50
C MET A 92 3.95 14.13 22.99
N TYR A 93 4.91 15.00 23.30
CA TYR A 93 5.29 15.28 24.68
C TYR A 93 4.90 16.70 25.07
N TYR A 94 4.10 16.82 26.12
CA TYR A 94 3.63 18.08 26.65
C TYR A 94 4.24 18.36 28.01
N CYS A 95 4.54 19.62 28.30
CA CYS A 95 4.69 20.10 29.66
C CYS A 95 3.50 21.01 29.97
N ALA A 96 3.08 20.98 31.24
CA ALA A 96 1.90 21.73 31.65
C ALA A 96 2.09 22.20 33.08
N ARG A 97 1.43 23.31 33.41
CA ARG A 97 1.45 23.87 34.76
C ARG A 97 0.17 23.51 35.49
N ASN A 98 0.30 23.09 36.75
CA ASN A 98 -0.83 22.69 37.56
C ASN A 98 -1.15 23.78 38.56
N TYR A 99 -2.35 24.35 38.44
CA TYR A 99 -2.94 25.20 39.47
C TYR A 99 -4.46 25.11 39.32
N ARG A 100 -5.08 24.32 40.18
CA ARG A 100 -6.51 24.06 40.10
C ARG A 100 -6.81 23.39 38.75
N GLY A 101 -6.00 22.42 38.39
CA GLY A 101 -6.04 21.74 37.12
C GLY A 101 -4.88 22.14 36.21
N PHE A 102 -4.67 21.32 35.17
CA PHE A 102 -3.66 21.61 34.14
C PHE A 102 -4.27 22.65 33.20
N ALA A 103 -4.18 23.92 33.61
CA ALA A 103 -4.84 24.98 32.85
C ALA A 103 -4.02 25.47 31.67
N TYR A 104 -2.69 25.43 31.76
CA TYR A 104 -1.82 25.97 30.72
C TYR A 104 -0.88 24.88 30.25
N TRP A 105 -0.91 24.60 28.95
CA TRP A 105 -0.08 23.58 28.35
C TRP A 105 0.84 24.23 27.31
N GLY A 106 1.96 23.57 27.05
CA GLY A 106 2.69 23.87 25.84
C GLY A 106 1.99 23.27 24.65
N GLN A 107 2.42 23.67 23.46
CA GLN A 107 1.83 23.13 22.25
C GLN A 107 2.29 21.70 21.98
N GLY A 108 3.29 21.22 22.71
CA GLY A 108 3.76 19.86 22.58
C GLY A 108 4.84 19.68 21.53
N THR A 109 5.79 18.80 21.80
CA THR A 109 6.83 18.44 20.84
C THR A 109 6.70 16.97 20.49
N LEU A 110 6.73 16.66 19.19
CA LEU A 110 6.56 15.30 18.70
C LEU A 110 7.94 14.63 18.65
N VAL A 111 8.07 13.48 19.31
CA VAL A 111 9.30 12.70 19.27
C VAL A 111 8.97 11.37 18.59
N THR A 112 9.68 11.07 17.51
CA THR A 112 9.57 9.80 16.81
C THR A 112 10.80 8.97 17.14
N VAL A 113 10.59 7.82 17.77
CA VAL A 113 11.69 6.92 18.13
C VAL A 113 11.82 5.90 17.02
N SER A 114 12.85 6.07 16.18
CA SER A 114 13.03 5.22 15.02
C SER A 114 14.46 5.34 14.52
N ALA A 115 14.99 4.26 13.96
CA ALA A 115 16.32 4.27 13.36
C ALA A 115 16.34 4.85 11.96
N ALA A 116 15.17 5.09 11.36
CA ALA A 116 15.11 5.68 10.03
C ALA A 116 15.86 7.01 9.98
N LYS A 117 16.11 7.47 8.77
CA LYS A 117 16.94 8.64 8.51
C LYS A 117 16.09 9.79 8.01
N THR A 118 16.40 10.99 8.48
CA THR A 118 15.71 12.19 8.05
C THR A 118 15.80 12.32 6.53
N THR A 119 14.66 12.60 5.91
CA THR A 119 14.57 12.78 4.47
C THR A 119 13.74 14.02 4.20
N ALA A 120 14.25 14.87 3.31
CA ALA A 120 13.51 16.09 3.00
C ALA A 120 12.34 15.78 2.06
N PRO A 121 11.26 16.53 2.17
CA PRO A 121 10.11 16.30 1.29
C PRO A 121 10.30 16.88 -0.10
N SER A 122 9.65 16.26 -1.06
CA SER A 122 9.42 16.84 -2.38
C SER A 122 8.02 17.45 -2.39
N VAL A 123 7.93 18.71 -2.82
CA VAL A 123 6.68 19.45 -2.80
C VAL A 123 6.22 19.64 -4.25
N TYR A 124 5.00 19.19 -4.54
CA TYR A 124 4.46 19.24 -5.89
C TYR A 124 3.19 20.08 -5.91
N PRO A 125 3.04 20.99 -6.87
CA PRO A 125 1.79 21.73 -7.01
C PRO A 125 0.77 20.91 -7.78
N LEU A 126 -0.48 20.99 -7.35
CA LEU A 126 -1.57 20.24 -7.99
C LEU A 126 -2.56 21.27 -8.54
N ALA A 127 -2.39 21.62 -9.79
CA ALA A 127 -3.33 22.49 -10.48
C ALA A 127 -4.46 21.66 -11.05
N PRO A 128 -5.59 22.29 -11.38
CA PRO A 128 -6.74 21.53 -11.87
C PRO A 128 -6.46 20.81 -13.19
N VAL A 129 -7.29 19.80 -13.46
CA VAL A 129 -7.19 19.12 -14.74
C VAL A 129 -7.46 20.14 -15.84
N CYS A 130 -7.05 19.81 -17.06
CA CYS A 130 -7.50 20.56 -18.20
C CYS A 130 -8.92 20.11 -18.54
N GLY A 131 -9.68 20.98 -19.17
CA GLY A 131 -11.09 20.69 -19.36
C GLY A 131 -11.84 21.18 -18.13
N ASP A 132 -11.94 20.29 -17.13
CA ASP A 132 -12.67 20.58 -15.91
C ASP A 132 -14.02 21.18 -16.27
N THR A 133 -14.62 21.95 -15.39
CA THR A 133 -15.79 22.76 -15.72
C THR A 133 -15.68 24.06 -14.94
N THR A 134 -14.50 24.68 -14.99
CA THR A 134 -14.21 25.90 -14.26
C THR A 134 -15.43 26.79 -14.17
N GLY A 135 -16.05 26.81 -13.00
CA GLY A 135 -17.27 27.55 -12.80
C GLY A 135 -17.64 27.62 -11.34
N SER A 136 -17.93 28.83 -10.87
CA SER A 136 -18.27 29.11 -9.48
C SER A 136 -17.07 29.02 -8.56
N SER A 137 -16.32 27.92 -8.61
CA SER A 137 -15.18 27.76 -7.74
C SER A 137 -14.15 26.84 -8.38
N VAL A 138 -12.94 26.88 -7.82
CA VAL A 138 -11.82 26.07 -8.28
C VAL A 138 -11.11 25.50 -7.05
N THR A 139 -10.50 24.33 -7.23
CA THR A 139 -9.78 23.68 -6.14
C THR A 139 -8.37 23.37 -6.61
N LEU A 140 -7.40 23.83 -5.84
CA LEU A 140 -5.99 23.58 -6.08
C LEU A 140 -5.46 22.68 -4.96
N GLY A 141 -4.23 22.20 -5.15
CA GLY A 141 -3.68 21.27 -4.20
C GLY A 141 -2.18 21.36 -4.11
N CYS A 142 -1.65 20.68 -3.09
CA CYS A 142 -0.23 20.65 -2.80
C CYS A 142 0.09 19.28 -2.24
N LEU A 143 1.00 18.57 -2.90
CA LEU A 143 1.39 17.21 -2.50
C LEU A 143 2.80 17.26 -1.95
N VAL A 144 2.95 16.83 -0.70
CA VAL A 144 4.24 16.77 -0.02
C VAL A 144 4.58 15.30 0.17
N LYS A 145 5.58 14.80 -0.55
CA LYS A 145 5.84 13.37 -0.63
C LYS A 145 7.27 13.07 -0.22
N GLY A 146 7.43 11.90 0.41
CA GLY A 146 8.74 11.33 0.72
C GLY A 146 9.57 12.08 1.75
N TYR A 147 9.06 12.18 2.99
CA TYR A 147 9.78 12.84 4.06
C TYR A 147 9.66 12.03 5.34
N PHE A 148 10.59 12.30 6.26
CA PHE A 148 10.63 11.65 7.56
C PHE A 148 11.54 12.47 8.46
N PRO A 149 11.19 12.67 9.75
CA PRO A 149 9.94 12.28 10.41
C PRO A 149 8.87 13.35 10.26
N GLU A 150 7.74 13.16 10.93
CA GLU A 150 6.79 14.23 11.10
C GLU A 150 7.39 15.29 12.04
N PRO A 151 6.83 16.50 12.04
CA PRO A 151 5.72 16.93 11.20
C PRO A 151 6.15 17.80 10.05
N VAL A 152 5.17 18.23 9.26
CA VAL A 152 5.36 19.21 8.20
C VAL A 152 4.34 20.31 8.44
N THR A 153 4.71 21.52 8.07
CA THR A 153 3.88 22.70 8.20
C THR A 153 3.52 23.16 6.80
N LEU A 154 2.25 23.04 6.44
CA LEU A 154 1.76 23.49 5.15
C LEU A 154 0.82 24.66 5.39
N THR A 155 1.04 25.76 4.68
CA THR A 155 0.15 26.91 4.71
C THR A 155 -0.04 27.38 3.28
N TRP A 156 -1.03 28.25 3.09
CA TRP A 156 -1.37 28.79 1.78
C TRP A 156 -1.24 30.30 1.85
N ASN A 157 -0.39 30.85 0.99
CA ASN A 157 -0.11 32.29 1.00
C ASN A 157 0.26 32.74 2.41
N SER A 158 1.23 32.04 2.99
CA SER A 158 1.85 32.38 4.27
C SER A 158 0.86 32.37 5.43
N GLY A 159 -0.31 31.77 5.23
CA GLY A 159 -1.33 31.68 6.25
C GLY A 159 -2.50 32.58 6.00
N SER A 160 -2.41 33.45 4.98
CA SER A 160 -3.49 34.38 4.69
C SER A 160 -4.70 33.67 4.11
N LEU A 161 -4.48 32.61 3.33
CA LEU A 161 -5.56 31.85 2.71
C LEU A 161 -5.75 30.59 3.56
N SER A 162 -6.46 30.77 4.67
CA SER A 162 -6.78 29.68 5.59
C SER A 162 -8.20 29.19 5.44
N SER A 163 -9.07 29.97 4.80
CA SER A 163 -10.46 29.57 4.59
C SER A 163 -10.55 28.64 3.39
N GLY A 164 -11.43 27.65 3.50
CA GLY A 164 -11.57 26.67 2.44
C GLY A 164 -10.37 25.79 2.24
N VAL A 165 -9.63 25.52 3.31
CA VAL A 165 -8.44 24.67 3.27
C VAL A 165 -8.73 23.37 4.00
N HIS A 166 -8.21 22.27 3.46
CA HIS A 166 -8.24 20.97 4.11
C HIS A 166 -6.84 20.38 4.01
N THR A 167 -6.12 20.32 5.13
CA THR A 167 -4.81 19.69 5.16
C THR A 167 -4.95 18.31 5.78
N PHE A 168 -4.61 17.29 5.01
CA PHE A 168 -4.92 15.92 5.43
C PHE A 168 -3.75 15.33 6.22
N PRO A 169 -4.02 14.55 7.26
CA PRO A 169 -2.94 13.92 8.01
C PRO A 169 -1.99 13.14 7.09
N ALA A 170 -0.72 13.14 7.44
CA ALA A 170 0.27 12.43 6.64
C ALA A 170 0.08 10.92 6.78
N VAL A 171 0.44 10.20 5.73
CA VAL A 171 0.37 8.75 5.70
C VAL A 171 1.78 8.20 5.50
N LEU A 172 2.15 7.21 6.30
CA LEU A 172 3.47 6.61 6.23
C LEU A 172 3.45 5.42 5.28
N GLN A 173 4.39 5.41 4.33
CA GLN A 173 4.51 4.33 3.36
C GLN A 173 5.98 4.11 3.06
N SER A 174 6.52 2.98 3.51
CA SER A 174 7.93 2.62 3.31
C SER A 174 8.83 3.58 4.07
N ASP A 175 8.46 3.89 5.31
CA ASP A 175 9.25 4.74 6.20
C ASP A 175 9.41 6.15 5.65
N LEU A 176 8.43 6.62 4.87
CA LEU A 176 8.42 7.97 4.34
C LEU A 176 6.99 8.49 4.35
N TYR A 177 6.80 9.68 4.91
CA TYR A 177 5.47 10.26 5.04
C TYR A 177 5.04 10.94 3.74
N THR A 178 3.75 10.88 3.48
CA THR A 178 3.12 11.59 2.38
C THR A 178 1.94 12.38 2.92
N LEU A 179 1.83 13.63 2.48
CA LEU A 179 0.80 14.55 2.96
C LEU A 179 0.32 15.38 1.79
N SER A 180 -0.92 15.86 1.90
CA SER A 180 -1.52 16.65 0.85
C SER A 180 -2.38 17.74 1.47
N SER A 181 -2.73 18.73 0.65
CA SER A 181 -3.58 19.82 1.10
C SER A 181 -4.38 20.35 -0.08
N SER A 182 -5.65 20.63 0.16
CA SER A 182 -6.53 21.23 -0.83
C SER A 182 -6.96 22.61 -0.35
N VAL A 183 -7.15 23.51 -1.31
CA VAL A 183 -7.66 24.86 -1.03
C VAL A 183 -8.65 25.20 -2.13
N THR A 184 -9.82 25.70 -1.72
CA THR A 184 -10.89 26.02 -2.66
C THR A 184 -11.16 27.51 -2.62
N VAL A 185 -11.08 28.14 -3.79
CA VAL A 185 -11.35 29.55 -3.94
C VAL A 185 -12.38 29.73 -5.06
N THR A 186 -12.81 30.97 -5.25
CA THR A 186 -13.76 31.28 -6.32
C THR A 186 -13.03 31.42 -7.65
N SER A 187 -13.76 31.14 -8.74
CA SER A 187 -13.13 31.17 -10.05
C SER A 187 -12.52 32.54 -10.34
N SER A 188 -13.17 33.60 -9.87
CA SER A 188 -12.67 34.95 -10.14
C SER A 188 -11.35 35.25 -9.43
N THR A 189 -11.03 34.52 -8.37
CA THR A 189 -9.83 34.82 -7.56
C THR A 189 -8.58 34.11 -8.05
N TRP A 190 -8.70 33.13 -8.95
CA TRP A 190 -7.55 32.35 -9.39
C TRP A 190 -7.76 31.95 -10.83
N PRO A 191 -6.72 32.00 -11.68
CA PRO A 191 -5.32 32.37 -11.40
C PRO A 191 -5.03 33.88 -11.39
N SER A 192 -6.08 34.70 -11.47
CA SER A 192 -5.91 36.15 -11.40
C SER A 192 -4.92 36.53 -10.30
N GLN A 193 -5.27 36.22 -9.07
CA GLN A 193 -4.36 36.37 -7.93
C GLN A 193 -3.53 35.11 -7.79
N SER A 194 -2.33 35.27 -7.23
CA SER A 194 -1.40 34.16 -7.09
C SER A 194 -1.72 33.38 -5.82
N ILE A 195 -1.58 32.07 -5.89
CA ILE A 195 -1.73 31.19 -4.73
C ILE A 195 -0.49 30.33 -4.65
N THR A 196 0.07 30.22 -3.45
CA THR A 196 1.31 29.50 -3.23
C THR A 196 1.17 28.60 -2.03
N CYS A 197 1.73 27.40 -2.14
CA CYS A 197 1.81 26.45 -1.04
C CYS A 197 3.14 26.63 -0.33
N ASN A 198 3.10 26.82 0.98
CA ASN A 198 4.30 27.03 1.79
C ASN A 198 4.49 25.81 2.67
N VAL A 199 5.62 25.13 2.49
CA VAL A 199 5.90 23.87 3.18
C VAL A 199 7.22 23.99 3.92
N ALA A 200 7.21 23.62 5.20
CA ALA A 200 8.39 23.62 6.05
C ALA A 200 8.55 22.24 6.67
N HIS A 201 9.73 21.62 6.49
CA HIS A 201 10.08 20.37 7.16
C HIS A 201 11.29 20.68 8.02
N PRO A 202 11.10 21.06 9.28
CA PRO A 202 12.24 21.52 10.09
C PRO A 202 13.29 20.45 10.34
N ALA A 203 12.88 19.19 10.50
CA ALA A 203 13.85 18.15 10.78
C ALA A 203 14.92 18.04 9.70
N SER A 204 14.64 18.60 8.52
CA SER A 204 15.61 18.63 7.42
C SER A 204 15.92 20.04 6.96
N SER A 205 15.55 21.05 7.73
CA SER A 205 15.86 22.45 7.41
C SER A 205 15.39 22.79 6.00
N THR A 206 14.20 22.30 5.65
CA THR A 206 13.60 22.49 4.34
C THR A 206 12.46 23.50 4.45
N LYS A 207 12.41 24.44 3.52
CA LYS A 207 11.30 25.38 3.42
C LYS A 207 11.09 25.67 1.94
N VAL A 208 9.99 25.19 1.38
CA VAL A 208 9.71 25.31 -0.04
C VAL A 208 8.42 26.10 -0.21
N ASP A 209 8.39 26.92 -1.25
CA ASP A 209 7.21 27.69 -1.65
C ASP A 209 6.91 27.35 -3.11
N LYS A 210 5.86 26.59 -3.35
CA LYS A 210 5.46 26.21 -4.69
C LYS A 210 4.21 27.00 -5.08
N LYS A 211 4.35 27.82 -6.12
CA LYS A 211 3.22 28.56 -6.66
C LYS A 211 2.41 27.65 -7.55
N ILE A 212 1.09 27.79 -7.50
CA ILE A 212 0.20 26.95 -8.29
C ILE A 212 -0.09 27.69 -9.60
N GLU A 213 0.52 27.23 -10.67
CA GLU A 213 0.31 27.83 -11.97
C GLU A 213 -0.53 26.93 -12.85
N PRO A 214 -1.37 27.52 -13.72
CA PRO A 214 -2.21 26.68 -14.60
C PRO A 214 -1.36 25.72 -15.42
N ARG A 215 -1.99 24.63 -15.83
CA ARG A 215 -1.28 23.63 -16.63
C ARG A 215 -1.14 24.07 -18.08
N GLY A 216 -2.10 24.84 -18.59
CA GLY A 216 -2.06 25.33 -19.95
C GLY A 216 -1.82 26.82 -20.07
N PRO A 217 -2.18 27.40 -21.21
CA PRO A 217 -2.01 28.84 -21.39
C PRO A 217 -3.03 29.71 -20.66
N THR A 218 -4.07 29.12 -20.09
CA THR A 218 -5.11 29.84 -19.36
C THR A 218 -6.19 30.33 -20.32
N GLU B 1 -1.95 1.98 41.68
CA GLU B 1 -2.40 3.33 41.25
C GLU B 1 -3.92 3.41 41.19
N THR B 2 -4.45 4.63 41.24
CA THR B 2 -5.88 4.85 41.05
C THR B 2 -6.20 4.76 39.57
N THR B 3 -7.08 3.85 39.20
CA THR B 3 -7.50 3.70 37.81
C THR B 3 -8.77 4.51 37.56
N VAL B 4 -8.84 5.11 36.38
CA VAL B 4 -9.96 5.95 35.97
C VAL B 4 -10.57 5.35 34.71
N THR B 5 -11.82 4.92 34.81
CA THR B 5 -12.53 4.30 33.71
C THR B 5 -13.51 5.32 33.13
N GLN B 6 -13.29 5.72 31.88
CA GLN B 6 -14.08 6.74 31.23
C GLN B 6 -14.98 6.09 30.18
N SER B 7 -16.25 6.51 30.16
CA SER B 7 -17.22 5.92 29.25
C SER B 7 -18.21 6.98 28.79
N PRO B 8 -18.71 6.88 27.53
CA PRO B 8 -18.29 5.92 26.51
C PRO B 8 -16.96 6.32 25.86
N ALA B 9 -16.32 5.38 25.16
CA ALA B 9 -15.10 5.71 24.43
C ALA B 9 -15.41 6.54 23.19
N SER B 10 -16.56 6.30 22.57
CA SER B 10 -16.99 7.04 21.39
C SER B 10 -18.45 7.42 21.55
N LEU B 11 -18.82 8.53 20.89
CA LEU B 11 -20.15 9.09 21.04
C LEU B 11 -20.47 9.91 19.80
N SER B 12 -21.70 9.77 19.32
CA SER B 12 -22.18 10.54 18.17
C SER B 12 -23.57 11.05 18.51
N VAL B 13 -23.75 12.37 18.46
CA VAL B 13 -25.03 12.98 18.82
C VAL B 13 -25.39 14.03 17.77
N ALA B 14 -26.68 14.21 17.56
CA ALA B 14 -27.16 15.26 16.68
C ALA B 14 -26.89 16.63 17.31
N THR B 15 -26.77 17.63 16.45
CA THR B 15 -26.63 19.00 16.92
C THR B 15 -27.80 19.35 17.84
N GLY B 16 -27.47 19.82 19.04
CA GLY B 16 -28.47 20.22 20.00
C GLY B 16 -28.77 19.19 21.06
N GLU B 17 -28.49 17.91 20.80
CA GLU B 17 -28.73 16.87 21.80
C GLU B 17 -27.70 16.95 22.91
N LYS B 18 -27.97 16.22 23.98
CA LYS B 18 -27.13 16.21 25.16
C LYS B 18 -26.04 15.14 25.10
N VAL B 19 -24.88 15.48 25.63
CA VAL B 19 -23.75 14.57 25.75
C VAL B 19 -23.56 14.27 27.24
N THR B 20 -23.34 13.00 27.55
CA THR B 20 -23.07 12.56 28.91
C THR B 20 -21.80 11.73 28.88
N ILE B 21 -20.82 12.12 29.69
CA ILE B 21 -19.55 11.40 29.81
C ILE B 21 -19.35 11.11 31.30
N ARG B 22 -18.93 9.89 31.60
CA ARG B 22 -18.82 9.41 32.97
C ARG B 22 -17.41 8.90 33.22
N CYS B 23 -16.88 9.22 34.40
CA CYS B 23 -15.57 8.72 34.83
C CYS B 23 -15.72 8.13 36.23
N ILE B 24 -15.34 6.86 36.37
CA ILE B 24 -15.36 6.16 37.65
C ILE B 24 -13.93 5.95 38.10
N THR B 25 -13.63 6.37 39.32
CA THR B 25 -12.31 6.19 39.91
C THR B 25 -12.33 5.00 40.86
N SER B 26 -11.27 4.19 40.82
CA SER B 26 -11.19 2.98 41.62
C SER B 26 -11.11 3.26 43.12
N THR B 27 -10.71 4.47 43.51
CA THR B 27 -10.69 4.86 44.92
C THR B 27 -11.40 6.20 45.09
N ASP B 28 -11.73 6.51 46.35
CA ASP B 28 -12.34 7.79 46.67
C ASP B 28 -11.31 8.90 46.46
N ILE B 29 -11.65 9.88 45.62
CA ILE B 29 -10.72 10.94 45.28
C ILE B 29 -11.25 12.31 45.71
N ASP B 30 -12.24 12.35 46.60
CA ASP B 30 -12.86 13.60 47.03
C ASP B 30 -13.36 14.29 45.78
N ASP B 31 -12.91 15.50 45.46
CA ASP B 31 -13.34 16.21 44.25
C ASP B 31 -12.15 16.65 43.41
N ASP B 32 -11.07 15.86 43.44
CA ASP B 32 -9.88 16.17 42.63
C ASP B 32 -10.06 15.67 41.20
N MET B 33 -11.15 16.11 40.57
CA MET B 33 -11.48 15.71 39.20
C MET B 33 -11.49 16.94 38.31
N THR B 34 -10.80 16.87 37.18
CA THR B 34 -10.77 17.92 36.20
C THR B 34 -11.13 17.33 34.84
N TRP B 35 -11.71 18.17 33.99
CA TRP B 35 -12.20 17.74 32.68
C TRP B 35 -11.55 18.57 31.59
N TYR B 36 -11.26 17.91 30.46
CA TYR B 36 -10.51 18.53 29.39
C TYR B 36 -11.17 18.25 28.05
N GLN B 37 -10.93 19.17 27.12
CA GLN B 37 -11.37 19.08 25.74
C GLN B 37 -10.15 19.23 24.87
N GLN B 38 -9.94 18.29 23.95
CA GLN B 38 -8.78 18.33 23.07
C GLN B 38 -9.27 18.35 21.62
N LYS B 39 -8.95 19.41 20.92
CA LYS B 39 -9.18 19.47 19.48
C LYS B 39 -7.93 18.99 18.73
N PRO B 40 -8.07 18.63 17.46
CA PRO B 40 -6.92 18.06 16.74
C PRO B 40 -5.76 19.05 16.66
N GLY B 41 -4.55 18.54 16.91
CA GLY B 41 -3.36 19.34 16.79
C GLY B 41 -3.13 20.29 17.94
N GLU B 42 -3.99 20.29 18.94
CA GLU B 42 -3.88 21.16 20.10
C GLU B 42 -3.67 20.35 21.36
N PRO B 43 -3.12 20.98 22.40
CA PRO B 43 -3.10 20.35 23.71
C PRO B 43 -4.50 20.34 24.32
N PRO B 44 -4.74 19.51 25.32
CA PRO B 44 -6.02 19.57 26.03
C PRO B 44 -6.26 20.95 26.62
N LYS B 45 -7.54 21.32 26.71
CA LYS B 45 -7.95 22.60 27.28
C LYS B 45 -8.77 22.34 28.53
N LEU B 46 -8.36 22.93 29.65
CA LEU B 46 -9.07 22.72 30.90
C LEU B 46 -10.45 23.38 30.84
N LEU B 47 -11.48 22.59 31.15
CA LEU B 47 -12.85 23.08 31.20
C LEU B 47 -13.42 23.14 32.60
N ILE B 48 -13.12 22.15 33.43
CA ILE B 48 -13.73 22.02 34.75
C ILE B 48 -12.62 21.77 35.76
N SER B 49 -12.71 22.44 36.91
CA SER B 49 -11.81 22.22 38.03
C SER B 49 -12.64 21.88 39.26
N GLU B 50 -11.98 21.22 40.21
CA GLU B 50 -12.63 20.78 41.45
C GLU B 50 -13.97 20.11 41.18
N ALA B 51 -14.02 19.30 40.12
CA ALA B 51 -15.14 18.41 39.87
C ALA B 51 -16.35 19.15 39.31
N THR B 52 -16.57 20.40 39.75
CA THR B 52 -17.75 21.14 39.33
C THR B 52 -17.51 22.60 38.96
N THR B 53 -16.32 23.14 39.16
CA THR B 53 -16.08 24.58 38.98
C THR B 53 -15.74 24.84 37.51
N LEU B 54 -16.68 25.50 36.81
CA LEU B 54 -16.47 25.88 35.42
C LEU B 54 -15.41 26.96 35.33
N ARG B 55 -14.41 26.75 34.48
CA ARG B 55 -13.38 27.76 34.30
C ARG B 55 -13.96 28.95 33.54
N PRO B 56 -13.55 30.17 33.87
CA PRO B 56 -14.14 31.35 33.22
C PRO B 56 -13.91 31.32 31.72
N GLY B 57 -14.92 31.75 30.98
CA GLY B 57 -14.88 31.72 29.54
C GLY B 57 -15.34 30.43 28.90
N VAL B 58 -15.74 29.45 29.70
CA VAL B 58 -16.22 28.18 29.17
C VAL B 58 -17.74 28.29 29.06
N PRO B 59 -18.35 27.92 27.93
CA PRO B 59 -19.79 28.10 27.79
C PRO B 59 -20.57 27.38 28.89
N SER B 60 -21.69 27.99 29.28
CA SER B 60 -22.51 27.43 30.34
C SER B 60 -23.12 26.09 29.95
N ARG B 61 -23.08 25.73 28.67
CA ARG B 61 -23.56 24.42 28.25
C ARG B 61 -22.76 23.31 28.90
N PHE B 62 -21.52 23.59 29.28
CA PHE B 62 -20.66 22.61 29.94
C PHE B 62 -20.89 22.63 31.44
N SER B 63 -20.92 21.44 32.03
CA SER B 63 -21.07 21.29 33.48
C SER B 63 -20.55 19.92 33.87
N ALA B 64 -20.35 19.74 35.18
CA ALA B 64 -19.88 18.47 35.70
C ALA B 64 -20.32 18.34 37.14
N SER B 65 -20.40 17.09 37.60
CA SER B 65 -20.83 16.79 38.96
C SER B 65 -20.06 15.58 39.46
N GLY B 66 -20.06 15.41 40.77
CA GLY B 66 -19.48 14.23 41.39
C GLY B 66 -18.64 14.54 42.61
N TYR B 67 -18.57 13.57 43.52
CA TYR B 67 -17.69 13.65 44.69
C TYR B 67 -17.43 12.22 45.14
N GLY B 68 -16.19 11.77 45.07
CA GLY B 68 -15.86 10.44 45.55
C GLY B 68 -15.34 9.49 44.48
N THR B 69 -16.25 8.80 43.79
CA THR B 69 -15.86 7.83 42.77
C THR B 69 -16.61 8.00 41.45
N ASP B 70 -17.78 8.63 41.45
CA ASP B 70 -18.62 8.76 40.26
C ASP B 70 -18.69 10.23 39.84
N PHE B 71 -18.15 10.54 38.67
CA PHE B 71 -18.14 11.89 38.14
C PHE B 71 -18.74 11.88 36.74
N VAL B 72 -19.56 12.89 36.44
CA VAL B 72 -20.24 12.98 35.16
C VAL B 72 -19.98 14.34 34.55
N PHE B 73 -19.64 14.34 33.26
CA PHE B 73 -19.43 15.55 32.47
C PHE B 73 -20.57 15.64 31.45
N THR B 74 -21.16 16.81 31.31
CA THR B 74 -22.37 16.98 30.51
C THR B 74 -22.29 18.19 29.60
N ILE B 75 -22.80 18.02 28.39
CA ILE B 75 -23.04 19.11 27.45
C ILE B 75 -24.53 19.14 27.18
N GLU B 76 -25.20 20.23 27.56
CA GLU B 76 -26.65 20.29 27.46
C GLU B 76 -27.08 20.37 26.00
N ASN B 77 -26.57 21.36 25.27
CA ASN B 77 -26.96 21.63 23.89
C ASN B 77 -25.71 21.62 23.01
N THR B 78 -25.32 20.43 22.57
CA THR B 78 -24.06 20.28 21.85
C THR B 78 -24.08 21.09 20.55
N LEU B 79 -23.07 21.93 20.38
CA LEU B 79 -22.91 22.71 19.16
C LEU B 79 -21.80 22.10 18.30
N SER B 80 -21.73 22.57 17.05
CA SER B 80 -20.77 22.00 16.10
C SER B 80 -19.34 22.09 16.61
N GLU B 81 -18.98 23.21 17.23
CA GLU B 81 -17.62 23.43 17.69
C GLU B 81 -17.25 22.55 18.89
N ASP B 82 -18.17 21.73 19.39
CA ASP B 82 -17.89 20.87 20.52
C ASP B 82 -17.22 19.54 20.14
N VAL B 83 -17.11 19.25 18.83
CA VAL B 83 -16.43 18.04 18.39
C VAL B 83 -14.99 18.05 18.89
N ALA B 84 -14.58 16.94 19.52
CA ALA B 84 -13.27 16.87 20.15
C ALA B 84 -13.10 15.56 20.90
N ASP B 85 -11.93 15.35 21.48
CA ASP B 85 -11.71 14.27 22.44
C ASP B 85 -11.77 14.87 23.84
N TYR B 86 -12.55 14.25 24.71
CA TYR B 86 -12.71 14.71 26.09
C TYR B 86 -12.06 13.73 27.04
N TYR B 87 -11.44 14.27 28.08
CA TYR B 87 -10.70 13.46 29.04
C TYR B 87 -11.00 13.97 30.45
N CYS B 88 -11.06 13.04 31.39
CA CYS B 88 -11.09 13.36 32.81
C CYS B 88 -9.74 13.08 33.42
N LEU B 89 -9.52 13.60 34.62
CA LEU B 89 -8.23 13.42 35.29
C LEU B 89 -8.42 13.47 36.79
N GLN B 90 -7.88 12.47 37.48
CA GLN B 90 -7.82 12.46 38.95
C GLN B 90 -6.44 12.96 39.37
N SER B 91 -6.44 13.94 40.28
CA SER B 91 -5.20 14.49 40.83
C SER B 91 -5.11 14.25 42.33
N ASP B 92 -5.70 13.15 42.80
CA ASP B 92 -5.77 12.89 44.23
C ASP B 92 -4.48 12.24 44.76
N ASN B 93 -3.91 11.31 44.01
CA ASN B 93 -2.70 10.61 44.45
C ASN B 93 -1.86 10.24 43.24
N MET B 94 -0.55 10.08 43.49
CA MET B 94 0.42 9.77 42.44
C MET B 94 0.37 8.29 42.09
N PRO B 95 0.55 7.92 40.82
CA PRO B 95 0.72 8.81 39.65
C PRO B 95 -0.62 9.33 39.15
N TYR B 96 -0.70 10.59 38.75
CA TYR B 96 -1.94 11.11 38.20
C TYR B 96 -2.34 10.27 36.98
N THR B 97 -3.63 10.03 36.85
CA THR B 97 -4.14 9.12 35.82
C THR B 97 -5.30 9.77 35.08
N PHE B 98 -5.25 9.70 33.75
CA PHE B 98 -6.31 10.20 32.89
C PHE B 98 -7.31 9.09 32.61
N GLY B 99 -8.56 9.46 32.42
CA GLY B 99 -9.49 8.56 31.76
C GLY B 99 -9.07 8.25 30.35
N GLY B 100 -9.64 7.18 29.79
CA GLY B 100 -9.28 6.78 28.45
C GLY B 100 -9.68 7.77 27.38
N GLY B 101 -10.62 8.65 27.68
CA GLY B 101 -11.05 9.65 26.73
C GLY B 101 -12.37 9.29 26.06
N THR B 102 -13.02 10.30 25.48
CA THR B 102 -14.27 10.13 24.77
C THR B 102 -14.18 10.91 23.46
N LYS B 103 -14.32 10.21 22.34
CA LYS B 103 -14.33 10.87 21.04
C LYS B 103 -15.77 11.27 20.73
N LEU B 104 -16.00 12.56 20.53
CA LEU B 104 -17.32 13.10 20.23
C LEU B 104 -17.38 13.53 18.78
N GLU B 105 -18.39 13.05 18.07
CA GLU B 105 -18.66 13.49 16.71
C GLU B 105 -20.12 13.91 16.64
N ILE B 106 -20.43 14.77 15.69
CA ILE B 106 -21.73 15.42 15.61
C ILE B 106 -22.48 14.81 14.42
N LYS B 107 -23.73 14.45 14.64
CA LYS B 107 -24.60 14.06 13.54
C LYS B 107 -25.19 15.31 12.90
N ARG B 108 -25.20 15.32 11.57
CA ARG B 108 -25.75 16.43 10.81
C ARG B 108 -26.43 15.87 9.57
N ALA B 109 -26.96 16.77 8.75
CA ALA B 109 -27.61 16.37 7.50
C ALA B 109 -26.59 15.81 6.53
N ASP B 110 -27.09 14.98 5.60
CA ASP B 110 -26.24 14.44 4.56
C ASP B 110 -25.60 15.56 3.74
N ALA B 111 -24.39 15.30 3.26
CA ALA B 111 -23.68 16.22 2.37
C ALA B 111 -22.90 15.39 1.38
N ALA B 112 -23.12 15.63 0.09
CA ALA B 112 -22.40 14.90 -0.93
C ALA B 112 -20.99 15.47 -1.09
N PRO B 113 -20.01 14.64 -1.43
CA PRO B 113 -18.65 15.15 -1.61
C PRO B 113 -18.52 16.01 -2.85
N THR B 114 -17.58 16.95 -2.77
CA THR B 114 -17.11 17.69 -3.92
C THR B 114 -15.80 17.03 -4.35
N VAL B 115 -15.79 16.41 -5.52
CA VAL B 115 -14.66 15.61 -5.96
C VAL B 115 -13.86 16.38 -7.00
N SER B 116 -12.54 16.30 -6.87
CA SER B 116 -11.61 16.95 -7.79
C SER B 116 -10.47 15.97 -8.02
N ILE B 117 -10.11 15.77 -9.28
CA ILE B 117 -9.03 14.86 -9.66
C ILE B 117 -7.89 15.70 -10.22
N PHE B 118 -6.66 15.30 -9.89
CA PHE B 118 -5.47 16.06 -10.24
C PHE B 118 -4.41 15.14 -10.84
N PRO B 119 -4.06 15.31 -12.11
CA PRO B 119 -3.00 14.49 -12.70
C PRO B 119 -1.68 14.76 -12.01
N PRO B 120 -0.68 13.92 -12.24
CA PRO B 120 0.64 14.19 -11.65
C PRO B 120 1.20 15.51 -12.17
N SER B 121 1.95 16.18 -11.31
CA SER B 121 2.60 17.41 -11.72
C SER B 121 3.77 17.09 -12.66
N SER B 122 4.12 18.08 -13.47
CA SER B 122 5.29 17.94 -14.33
C SER B 122 6.55 17.75 -13.51
N GLU B 123 6.62 18.38 -12.33
CA GLU B 123 7.83 18.24 -11.51
C GLU B 123 7.98 16.81 -11.00
N GLN B 124 6.87 16.17 -10.62
CA GLN B 124 6.98 14.80 -10.12
C GLN B 124 7.34 13.83 -11.25
N LEU B 125 6.78 14.04 -12.44
CA LEU B 125 7.06 13.14 -13.55
C LEU B 125 8.54 13.14 -13.91
N THR B 126 9.24 14.26 -13.72
CA THR B 126 10.67 14.28 -14.01
C THR B 126 11.43 13.34 -13.08
N SER B 127 11.03 13.27 -11.81
CA SER B 127 11.74 12.44 -10.84
C SER B 127 11.46 10.95 -11.02
N GLY B 128 10.47 10.57 -11.82
CA GLY B 128 10.16 9.19 -12.06
C GLY B 128 8.94 8.67 -11.32
N GLY B 129 8.28 9.51 -10.54
CA GLY B 129 7.08 9.11 -9.83
C GLY B 129 5.84 9.69 -10.48
N ALA B 130 4.69 9.08 -10.17
CA ALA B 130 3.42 9.52 -10.73
C ALA B 130 2.33 9.29 -9.71
N SER B 131 1.81 10.38 -9.15
CA SER B 131 0.72 10.33 -8.18
C SER B 131 -0.50 11.01 -8.78
N VAL B 132 -1.62 10.32 -8.80
CA VAL B 132 -2.91 10.90 -9.18
C VAL B 132 -3.68 11.14 -7.90
N VAL B 133 -4.13 12.37 -7.69
CA VAL B 133 -4.75 12.76 -6.43
C VAL B 133 -6.22 13.05 -6.68
N CYS B 134 -7.06 12.60 -5.76
CA CYS B 134 -8.49 12.84 -5.81
C CYS B 134 -8.87 13.41 -4.45
N PHE B 135 -9.46 14.60 -4.45
CA PHE B 135 -9.92 15.25 -3.23
C PHE B 135 -11.44 15.06 -3.14
N LEU B 136 -11.91 14.57 -2.00
CA LEU B 136 -13.34 14.40 -1.74
C LEU B 136 -13.67 15.25 -0.52
N ASN B 137 -14.27 16.42 -0.74
CA ASN B 137 -14.32 17.45 0.27
C ASN B 137 -15.74 17.71 0.76
N ASN B 138 -15.83 17.91 2.08
CA ASN B 138 -17.02 18.41 2.78
C ASN B 138 -18.25 17.54 2.53
N PHE B 139 -18.16 16.29 2.99
CA PHE B 139 -19.27 15.35 2.90
C PHE B 139 -19.63 14.83 4.28
N TYR B 140 -20.84 14.28 4.37
CA TYR B 140 -21.33 13.64 5.56
C TYR B 140 -22.39 12.63 5.14
N PRO B 141 -22.42 11.42 5.73
CA PRO B 141 -21.59 10.87 6.81
C PRO B 141 -20.15 10.52 6.42
N LYS B 142 -19.34 10.15 7.43
CA LYS B 142 -17.91 9.95 7.21
C LYS B 142 -17.64 8.78 6.27
N ASP B 143 -18.51 7.78 6.28
CA ASP B 143 -18.28 6.58 5.48
C ASP B 143 -18.30 6.94 4.00
N ILE B 144 -17.27 6.52 3.29
CA ILE B 144 -17.16 6.76 1.85
C ILE B 144 -16.12 5.79 1.32
N ASN B 145 -16.22 5.47 0.03
CA ASN B 145 -15.33 4.53 -0.61
C ASN B 145 -14.88 5.09 -1.95
N VAL B 146 -13.59 5.01 -2.21
CA VAL B 146 -13.03 5.47 -3.47
C VAL B 146 -12.50 4.27 -4.24
N LYS B 147 -12.85 4.20 -5.51
CA LYS B 147 -12.39 3.16 -6.42
C LYS B 147 -11.61 3.83 -7.53
N TRP B 148 -10.35 3.46 -7.69
CA TRP B 148 -9.54 3.95 -8.79
C TRP B 148 -9.63 2.99 -9.95
N LYS B 149 -9.74 3.55 -11.15
CA LYS B 149 -9.80 2.76 -12.36
C LYS B 149 -8.84 3.32 -13.39
N ILE B 150 -8.08 2.43 -14.02
CA ILE B 150 -7.15 2.76 -15.08
C ILE B 150 -7.63 2.03 -16.32
N ASP B 151 -7.99 2.79 -17.36
CA ASP B 151 -8.52 2.21 -18.58
C ASP B 151 -9.71 1.30 -18.26
N GLY B 152 -10.50 1.71 -17.28
CA GLY B 152 -11.70 0.98 -16.91
C GLY B 152 -11.51 -0.19 -15.99
N SER B 153 -10.27 -0.51 -15.62
CA SER B 153 -9.97 -1.65 -14.77
C SER B 153 -9.61 -1.17 -13.38
N GLU B 154 -10.18 -1.81 -12.37
CA GLU B 154 -9.99 -1.40 -10.99
C GLU B 154 -8.55 -1.63 -10.55
N ARG B 155 -8.02 -0.66 -9.81
CA ARG B 155 -6.65 -0.70 -9.28
C ARG B 155 -6.72 -0.50 -7.77
N GLN B 156 -6.09 -1.40 -7.02
CA GLN B 156 -6.14 -1.38 -5.57
C GLN B 156 -4.81 -1.08 -4.92
N ASN B 157 -3.73 -1.74 -5.38
CA ASN B 157 -2.41 -1.52 -4.81
C ASN B 157 -1.91 -0.11 -5.11
N GLY B 158 -1.22 0.47 -4.15
CA GLY B 158 -0.61 1.79 -4.32
C GLY B 158 -1.52 2.95 -4.02
N VAL B 159 -2.66 2.72 -3.38
CA VAL B 159 -3.60 3.77 -3.02
C VAL B 159 -3.41 4.09 -1.55
N LEU B 160 -3.21 5.37 -1.25
CA LEU B 160 -3.14 5.85 0.13
C LEU B 160 -4.24 6.88 0.34
N ASN B 161 -5.08 6.64 1.34
CA ASN B 161 -6.21 7.50 1.66
C ASN B 161 -6.00 8.16 3.01
N SER B 162 -6.58 9.34 3.17
CA SER B 162 -6.50 10.06 4.43
C SER B 162 -7.76 10.88 4.63
N TRP B 163 -8.29 10.84 5.85
CA TRP B 163 -9.47 11.61 6.25
C TRP B 163 -9.06 12.71 7.21
N THR B 164 -9.71 13.86 7.09
CA THR B 164 -9.57 14.91 8.07
C THR B 164 -10.40 14.58 9.30
N ASP B 165 -10.12 15.29 10.38
CA ASP B 165 -11.02 15.24 11.53
C ASP B 165 -12.30 16.00 11.19
N GLN B 166 -13.37 15.68 11.91
CA GLN B 166 -14.65 16.32 11.63
C GLN B 166 -14.49 17.83 11.82
N ASP B 167 -15.03 18.58 10.87
CA ASP B 167 -14.84 20.03 10.87
C ASP B 167 -15.62 20.68 12.01
N SER B 168 -14.98 21.66 12.66
CA SER B 168 -15.57 22.31 13.81
C SER B 168 -16.73 23.23 13.42
N LYS B 169 -16.81 23.66 12.16
CA LYS B 169 -17.79 24.64 11.75
C LYS B 169 -19.02 24.02 11.08
N ASP B 170 -18.82 23.21 10.04
CA ASP B 170 -19.93 22.62 9.29
C ASP B 170 -20.12 21.13 9.56
N SER B 171 -19.28 20.52 10.40
CA SER B 171 -19.44 19.14 10.84
C SER B 171 -19.32 18.13 9.69
N THR B 172 -18.66 18.50 8.61
CA THR B 172 -18.45 17.57 7.51
C THR B 172 -17.07 16.93 7.62
N TYR B 173 -16.80 16.00 6.72
CA TYR B 173 -15.51 15.36 6.59
C TYR B 173 -14.96 15.60 5.19
N SER B 174 -13.66 15.38 5.06
CA SER B 174 -13.00 15.45 3.78
C SER B 174 -11.99 14.33 3.70
N MET B 175 -11.62 13.97 2.48
CA MET B 175 -10.71 12.85 2.27
C MET B 175 -9.86 13.12 1.04
N SER B 176 -8.64 12.61 1.10
CA SER B 176 -7.73 12.62 -0.04
C SER B 176 -7.38 11.17 -0.36
N SER B 177 -7.43 10.82 -1.64
CA SER B 177 -7.02 9.52 -2.13
C SER B 177 -5.93 9.73 -3.18
N THR B 178 -4.80 9.05 -3.01
CA THR B 178 -3.66 9.26 -3.87
C THR B 178 -3.22 7.92 -4.44
N LEU B 179 -3.29 7.79 -5.77
CA LEU B 179 -2.81 6.61 -6.48
C LEU B 179 -1.41 6.91 -6.97
N THR B 180 -0.43 6.15 -6.50
CA THR B 180 0.97 6.37 -6.82
C THR B 180 1.48 5.26 -7.72
N LEU B 181 1.89 5.61 -8.93
CA LEU B 181 2.48 4.71 -9.90
C LEU B 181 3.89 5.19 -10.24
N THR B 182 4.56 4.41 -11.08
CA THR B 182 5.77 4.88 -11.74
C THR B 182 5.37 5.74 -12.93
N LYS B 183 6.26 6.68 -13.29
CA LYS B 183 6.04 7.43 -14.51
C LYS B 183 5.75 6.49 -15.67
N ASP B 184 6.43 5.34 -15.69
CA ASP B 184 6.24 4.40 -16.78
C ASP B 184 4.82 3.85 -16.80
N GLU B 185 4.40 3.24 -15.69
CA GLU B 185 3.06 2.69 -15.64
C GLU B 185 2.02 3.77 -15.88
N TYR B 186 2.29 5.00 -15.44
CA TYR B 186 1.35 6.09 -15.68
C TYR B 186 1.21 6.39 -17.17
N GLU B 187 2.33 6.45 -17.89
CA GLU B 187 2.28 6.75 -19.31
CA GLU B 187 2.28 6.75 -19.32
C GLU B 187 1.82 5.56 -20.15
N ARG B 188 1.63 4.39 -19.55
CA ARG B 188 1.18 3.21 -20.25
C ARG B 188 -0.35 3.12 -20.37
N HIS B 189 -1.09 4.07 -19.80
CA HIS B 189 -2.55 4.05 -19.86
C HIS B 189 -3.05 5.46 -20.16
N ASN B 190 -4.36 5.56 -20.40
CA ASN B 190 -4.97 6.80 -20.89
C ASN B 190 -5.94 7.38 -19.88
N SER B 191 -7.03 6.69 -19.56
CA SER B 191 -8.06 7.24 -18.68
C SER B 191 -7.80 6.84 -17.24
N TYR B 192 -7.81 7.83 -16.35
CA TYR B 192 -7.67 7.62 -14.91
C TYR B 192 -8.93 8.16 -14.24
N THR B 193 -9.44 7.39 -13.29
CA THR B 193 -10.74 7.67 -12.72
C THR B 193 -10.73 7.37 -11.22
N CYS B 194 -11.29 8.29 -10.44
CA CYS B 194 -11.61 8.02 -9.05
C CYS B 194 -13.13 8.07 -8.91
N GLU B 195 -13.70 6.98 -8.41
CA GLU B 195 -15.13 6.87 -8.21
C GLU B 195 -15.42 6.88 -6.71
N ALA B 196 -16.35 7.72 -6.30
CA ALA B 196 -16.73 7.83 -4.89
C ALA B 196 -18.13 7.29 -4.74
N THR B 197 -18.28 6.28 -3.89
CA THR B 197 -19.59 5.77 -3.52
C THR B 197 -19.88 6.30 -2.13
N HIS B 198 -20.98 7.04 -2.00
CA HIS B 198 -21.37 7.68 -0.75
C HIS B 198 -22.87 7.50 -0.57
N LYS B 199 -23.31 7.63 0.68
CA LYS B 199 -24.74 7.51 0.98
C LYS B 199 -25.58 8.52 0.22
N THR B 200 -24.98 9.62 -0.24
CA THR B 200 -25.70 10.71 -0.89
C THR B 200 -26.12 10.42 -2.33
N SER B 201 -25.78 9.27 -2.88
CA SER B 201 -26.09 8.97 -4.27
C SER B 201 -25.99 7.48 -4.51
N THR B 202 -26.88 6.95 -5.36
CA THR B 202 -26.81 5.54 -5.70
C THR B 202 -25.82 5.27 -6.82
N SER B 203 -25.81 6.13 -7.84
CA SER B 203 -24.78 6.13 -8.87
C SER B 203 -23.52 6.82 -8.36
N PRO B 204 -22.36 6.19 -8.41
CA PRO B 204 -21.16 6.81 -7.83
C PRO B 204 -20.76 8.08 -8.55
N ILE B 205 -20.13 8.98 -7.80
CA ILE B 205 -19.57 10.21 -8.35
C ILE B 205 -18.25 9.89 -9.01
N VAL B 206 -18.11 10.25 -10.29
CA VAL B 206 -16.95 9.90 -11.09
C VAL B 206 -16.21 11.17 -11.49
N LYS B 207 -14.89 11.16 -11.28
CA LYS B 207 -14.00 12.19 -11.83
C LYS B 207 -12.88 11.48 -12.58
N SER B 208 -12.61 11.94 -13.80
CA SER B 208 -11.67 11.26 -14.66
C SER B 208 -11.04 12.24 -15.63
N PHE B 209 -9.96 11.78 -16.27
CA PHE B 209 -9.27 12.52 -17.30
C PHE B 209 -8.51 11.51 -18.16
N ASN B 210 -8.08 11.94 -19.34
CA ASN B 210 -7.24 11.13 -20.21
C ASN B 210 -5.82 11.70 -20.21
N ARG B 211 -4.83 10.81 -20.15
CA ARG B 211 -3.47 11.26 -19.95
C ARG B 211 -2.99 12.12 -21.11
N ASN B 212 -3.27 11.69 -22.33
CA ASN B 212 -2.76 12.36 -23.53
C ASN B 212 -3.72 13.43 -24.05
N GLU B 213 -4.95 13.43 -23.58
CA GLU B 213 -5.97 14.32 -24.12
C GLU B 213 -5.89 15.74 -23.57
N CYS B 214 -4.94 16.02 -22.69
CA CYS B 214 -4.80 17.36 -22.13
C CYS B 214 -3.60 17.51 -21.22
N GLN C 1 17.00 -34.19 -26.52
CA GLN C 1 18.30 -33.48 -26.65
C GLN C 1 18.35 -32.32 -27.65
N VAL C 2 17.24 -31.60 -27.82
CA VAL C 2 17.23 -30.29 -28.48
C VAL C 2 16.91 -29.24 -27.43
N GLN C 3 17.85 -28.33 -27.19
CA GLN C 3 17.68 -27.33 -26.14
C GLN C 3 18.19 -25.97 -26.60
N LEU C 4 17.59 -24.94 -26.02
CA LEU C 4 18.00 -23.55 -26.19
C LEU C 4 17.95 -22.89 -24.82
N LYS C 5 18.91 -22.01 -24.54
CA LYS C 5 19.02 -21.39 -23.23
C LYS C 5 19.44 -19.94 -23.37
N GLU C 6 18.66 -19.04 -22.78
CA GLU C 6 18.94 -17.61 -22.85
C GLU C 6 19.71 -17.16 -21.61
N SER C 7 20.78 -16.40 -21.83
CA SER C 7 21.55 -15.77 -20.77
C SER C 7 21.61 -14.27 -21.05
N GLY C 8 21.01 -13.48 -20.16
CA GLY C 8 20.87 -12.06 -20.39
C GLY C 8 21.28 -11.25 -19.17
N PRO C 9 21.17 -9.93 -19.26
CA PRO C 9 21.73 -9.07 -18.22
C PRO C 9 20.86 -8.97 -16.97
N GLY C 10 19.55 -9.09 -17.13
CA GLY C 10 18.64 -8.99 -16.00
C GLY C 10 18.13 -7.59 -15.77
N LEU C 11 19.03 -6.65 -15.49
CA LEU C 11 18.65 -5.26 -15.24
C LEU C 11 19.54 -4.37 -16.09
N VAL C 12 18.91 -3.66 -17.02
CA VAL C 12 19.58 -2.71 -17.89
C VAL C 12 19.07 -1.32 -17.52
N ALA C 13 19.94 -0.34 -17.58
CA ALA C 13 19.47 1.00 -17.31
C ALA C 13 18.86 1.59 -18.57
N PRO C 14 17.82 2.42 -18.42
CA PRO C 14 17.24 3.05 -19.61
C PRO C 14 18.31 3.84 -20.35
N SER C 15 18.23 3.79 -21.68
CA SER C 15 19.14 4.39 -22.63
C SER C 15 20.37 3.51 -22.90
N GLN C 16 20.56 2.41 -22.18
CA GLN C 16 21.73 1.57 -22.39
C GLN C 16 21.37 0.39 -23.30
N SER C 17 22.36 -0.45 -23.56
CA SER C 17 22.21 -1.55 -24.51
C SER C 17 21.98 -2.87 -23.79
N LEU C 18 21.46 -3.82 -24.55
CA LEU C 18 21.12 -5.15 -24.09
C LEU C 18 21.80 -6.18 -24.97
N SER C 19 22.35 -7.22 -24.34
CA SER C 19 22.97 -8.33 -25.06
C SER C 19 22.52 -9.63 -24.44
N ILE C 20 21.95 -10.51 -25.26
CA ILE C 20 21.48 -11.81 -24.81
C ILE C 20 22.15 -12.89 -25.65
N THR C 21 22.61 -13.94 -24.98
CA THR C 21 23.18 -15.09 -25.65
C THR C 21 22.19 -16.25 -25.56
N CYS C 22 21.92 -16.88 -26.70
CA CYS C 22 21.10 -18.07 -26.79
C CYS C 22 22.04 -19.23 -27.10
N THR C 23 22.34 -20.03 -26.09
CA THR C 23 23.21 -21.20 -26.27
C THR C 23 22.33 -22.40 -26.58
N VAL C 24 22.57 -23.03 -27.72
CA VAL C 24 21.75 -24.14 -28.19
C VAL C 24 22.58 -25.42 -28.09
N SER C 25 21.87 -26.55 -28.13
CA SER C 25 22.48 -27.86 -28.09
C SER C 25 21.55 -28.83 -28.77
N GLY C 26 22.13 -29.90 -29.33
CA GLY C 26 21.35 -30.92 -29.99
C GLY C 26 21.12 -30.72 -31.46
N PHE C 27 21.63 -29.63 -32.04
CA PHE C 27 21.50 -29.38 -33.47
C PHE C 27 22.55 -28.35 -33.85
N SER C 28 22.81 -28.25 -35.16
CA SER C 28 23.83 -27.35 -35.68
C SER C 28 23.18 -26.04 -36.11
N LEU C 29 23.72 -24.93 -35.59
CA LEU C 29 23.18 -23.62 -35.95
C LEU C 29 23.32 -23.35 -37.44
N SER C 30 24.30 -23.97 -38.09
CA SER C 30 24.51 -23.78 -39.52
C SER C 30 23.39 -24.39 -40.35
N ARG C 31 22.49 -25.14 -39.73
CA ARG C 31 21.46 -25.89 -40.44
C ARG C 31 20.04 -25.47 -40.07
N TYR C 32 19.86 -24.67 -39.02
CA TYR C 32 18.53 -24.27 -38.57
C TYR C 32 18.50 -22.76 -38.32
N SER C 33 17.30 -22.20 -38.45
CA SER C 33 17.06 -20.80 -38.12
C SER C 33 16.70 -20.67 -36.64
N VAL C 34 17.27 -19.67 -35.99
CA VAL C 34 16.93 -19.33 -34.61
C VAL C 34 16.24 -17.97 -34.63
N HIS C 35 15.09 -17.89 -33.97
CA HIS C 35 14.30 -16.68 -33.90
C HIS C 35 14.31 -16.11 -32.48
N TRP C 36 14.04 -14.82 -32.38
CA TRP C 36 13.94 -14.12 -31.11
C TRP C 36 12.54 -13.56 -30.93
N VAL C 37 11.97 -13.79 -29.74
CA VAL C 37 10.62 -13.37 -29.40
C VAL C 37 10.67 -12.77 -28.00
N ARG C 38 9.83 -11.78 -27.75
CA ARG C 38 9.75 -11.20 -26.42
C ARG C 38 8.29 -11.05 -26.02
N GLN C 39 8.10 -10.98 -24.70
CA GLN C 39 6.76 -10.96 -24.10
C GLN C 39 6.80 -10.00 -22.91
N PRO C 40 6.32 -8.77 -23.08
CA PRO C 40 6.22 -7.86 -21.93
C PRO C 40 5.37 -8.49 -20.84
N PRO C 41 5.71 -8.26 -19.57
CA PRO C 41 4.96 -8.92 -18.49
C PRO C 41 3.45 -8.73 -18.62
N GLY C 42 2.72 -9.83 -18.74
CA GLY C 42 1.28 -9.80 -18.84
C GLY C 42 0.73 -9.47 -20.20
N LYS C 43 1.57 -9.36 -21.22
CA LYS C 43 1.17 -8.98 -22.56
C LYS C 43 1.40 -10.14 -23.53
N GLY C 44 1.17 -9.88 -24.81
CA GLY C 44 1.34 -10.89 -25.83
C GLY C 44 2.78 -11.00 -26.31
N LEU C 45 2.97 -11.81 -27.35
CA LEU C 45 4.27 -12.14 -27.90
C LEU C 45 4.58 -11.24 -29.10
N GLU C 46 5.82 -10.78 -29.19
CA GLU C 46 6.26 -9.94 -30.30
C GLU C 46 7.50 -10.57 -30.94
N TRP C 47 7.42 -10.81 -32.24
CA TRP C 47 8.54 -11.35 -33.00
C TRP C 47 9.59 -10.27 -33.25
N LEU C 48 10.83 -10.54 -32.85
CA LEU C 48 11.92 -9.57 -32.97
C LEU C 48 12.73 -9.76 -34.24
N GLY C 49 13.06 -11.00 -34.59
CA GLY C 49 13.93 -11.24 -35.71
C GLY C 49 14.41 -12.68 -35.70
N MET C 50 15.39 -12.95 -36.56
CA MET C 50 15.86 -14.31 -36.77
C MET C 50 17.26 -14.27 -37.36
N ILE C 51 17.88 -15.44 -37.41
CA ILE C 51 19.11 -15.64 -38.18
C ILE C 51 19.04 -17.01 -38.82
N TRP C 52 19.22 -17.05 -40.14
CA TRP C 52 19.11 -18.28 -40.92
C TRP C 52 20.30 -19.19 -40.66
N GLY C 53 20.18 -20.44 -41.13
CA GLY C 53 21.32 -21.33 -41.05
C GLY C 53 22.54 -20.76 -41.73
N GLY C 54 22.35 -20.15 -42.90
CA GLY C 54 23.46 -19.59 -43.65
C GLY C 54 24.09 -18.37 -43.02
N GLY C 55 23.33 -17.61 -42.22
CA GLY C 55 23.84 -16.42 -41.56
C GLY C 55 23.09 -15.14 -41.87
N SER C 56 22.13 -15.16 -42.79
CA SER C 56 21.34 -13.98 -43.07
C SER C 56 20.46 -13.62 -41.88
N THR C 57 20.13 -12.34 -41.77
CA THR C 57 19.33 -11.81 -40.68
C THR C 57 18.09 -11.10 -41.22
N ASP C 58 16.98 -11.28 -40.50
CA ASP C 58 15.73 -10.59 -40.79
C ASP C 58 15.17 -10.07 -39.47
N TYR C 59 14.93 -8.77 -39.40
CA TYR C 59 14.44 -8.11 -38.21
C TYR C 59 12.99 -7.68 -38.36
N ASN C 60 12.36 -7.44 -37.23
CA ASN C 60 11.06 -6.78 -37.22
C ASN C 60 11.25 -5.35 -37.68
N SER C 61 10.54 -4.97 -38.75
CA SER C 61 10.75 -3.66 -39.37
C SER C 61 10.63 -2.52 -38.36
N ALA C 62 9.66 -2.62 -37.46
CA ALA C 62 9.43 -1.54 -36.49
C ALA C 62 10.65 -1.31 -35.60
N LEU C 63 11.38 -2.37 -35.27
CA LEU C 63 12.49 -2.30 -34.34
C LEU C 63 13.84 -2.51 -35.02
N LYS C 64 13.87 -2.74 -36.33
CA LYS C 64 15.11 -3.07 -37.03
C LYS C 64 16.24 -2.11 -36.69
N SER C 65 15.93 -0.82 -36.55
CA SER C 65 16.98 0.18 -36.41
C SER C 65 17.81 -0.04 -35.14
N ARG C 66 17.20 -0.53 -34.07
CA ARG C 66 17.95 -0.76 -32.83
C ARG C 66 18.27 -2.24 -32.59
N LEU C 67 17.82 -3.14 -33.45
CA LEU C 67 18.01 -4.58 -33.27
C LEU C 67 19.19 -5.10 -34.08
N SER C 68 19.95 -6.03 -33.50
CA SER C 68 21.03 -6.67 -34.23
C SER C 68 21.20 -8.10 -33.73
N ILE C 69 21.27 -9.04 -34.66
CA ILE C 69 21.38 -10.47 -34.37
C ILE C 69 22.63 -10.99 -35.09
N SER C 70 23.46 -11.72 -34.36
CA SER C 70 24.66 -12.35 -34.90
C SER C 70 24.72 -13.79 -34.40
N LYS C 71 25.79 -14.49 -34.74
CA LYS C 71 25.87 -15.91 -34.37
C LYS C 71 27.30 -16.40 -34.50
N ASP C 72 27.58 -17.52 -33.82
CA ASP C 72 28.86 -18.22 -33.91
C ASP C 72 28.55 -19.72 -33.97
N ASN C 73 28.59 -20.29 -35.18
CA ASN C 73 28.19 -21.68 -35.34
C ASN C 73 29.07 -22.62 -34.51
N SER C 74 30.34 -22.29 -34.33
CA SER C 74 31.26 -23.20 -33.65
C SER C 74 30.86 -23.41 -32.19
N LYS C 75 30.52 -22.33 -31.48
CA LYS C 75 30.19 -22.43 -30.07
C LYS C 75 28.70 -22.62 -29.80
N SER C 76 27.89 -22.84 -30.84
CA SER C 76 26.45 -23.04 -30.69
C SER C 76 25.81 -21.90 -29.89
N GLN C 77 26.07 -20.68 -30.33
CA GLN C 77 25.59 -19.49 -29.64
C GLN C 77 25.03 -18.49 -30.64
N VAL C 78 23.84 -17.97 -30.33
CA VAL C 78 23.21 -16.89 -31.08
C VAL C 78 23.12 -15.67 -30.18
N PHE C 79 23.32 -14.49 -30.77
CA PHE C 79 23.40 -13.25 -30.01
C PHE C 79 22.34 -12.27 -30.47
N LEU C 80 21.68 -11.63 -29.50
CA LEU C 80 20.76 -10.54 -29.74
C LEU C 80 21.33 -9.29 -29.08
N LYS C 81 21.26 -8.17 -29.79
CA LYS C 81 21.67 -6.89 -29.24
C LYS C 81 20.60 -5.86 -29.57
N MET C 82 20.16 -5.12 -28.56
CA MET C 82 19.17 -4.07 -28.73
C MET C 82 19.69 -2.82 -28.04
N ASN C 83 19.75 -1.72 -28.78
CA ASN C 83 20.29 -0.47 -28.28
C ASN C 83 19.18 0.48 -27.83
N SER C 84 19.59 1.50 -27.07
CA SER C 84 18.70 2.56 -26.64
C SER C 84 17.46 2.00 -25.94
N LEU C 85 17.70 1.13 -24.97
CA LEU C 85 16.60 0.47 -24.28
C LEU C 85 15.79 1.48 -23.49
N GLN C 86 14.50 1.17 -23.36
CA GLN C 86 13.57 2.03 -22.66
C GLN C 86 12.66 1.12 -21.85
N THR C 87 11.88 1.74 -20.96
CA THR C 87 11.12 0.96 -20.00
C THR C 87 10.13 0.01 -20.67
N ASP C 88 9.58 0.38 -21.81
CA ASP C 88 8.65 -0.49 -22.54
C ASP C 88 9.38 -1.60 -23.30
N ASP C 89 10.69 -1.72 -23.14
CA ASP C 89 11.44 -2.87 -23.61
C ASP C 89 11.59 -3.94 -22.53
N THR C 90 11.12 -3.65 -21.32
CA THR C 90 11.01 -4.66 -20.29
C THR C 90 10.16 -5.81 -20.81
N ALA C 91 10.70 -7.02 -20.74
CA ALA C 91 10.00 -8.18 -21.28
C ALA C 91 10.79 -9.44 -20.98
N MET C 92 10.12 -10.57 -21.12
CA MET C 92 10.80 -11.86 -21.20
C MET C 92 11.27 -12.04 -22.64
N TYR C 93 12.54 -12.40 -22.81
CA TYR C 93 13.12 -12.58 -24.14
C TYR C 93 13.39 -14.06 -24.38
N TYR C 94 12.79 -14.59 -25.44
CA TYR C 94 12.93 -15.98 -25.82
C TYR C 94 13.74 -16.08 -27.10
N CYS C 95 14.53 -17.14 -27.20
CA CYS C 95 15.00 -17.65 -28.47
C CYS C 95 14.29 -18.97 -28.77
N ALA C 96 14.06 -19.22 -30.05
CA ALA C 96 13.32 -20.39 -30.46
C ALA C 96 13.86 -20.86 -31.80
N ARG C 97 13.72 -22.16 -32.05
CA ARG C 97 14.12 -22.77 -33.32
C ARG C 97 12.86 -22.96 -34.16
N ASN C 98 12.94 -22.55 -35.43
CA ASN C 98 11.81 -22.64 -36.33
C ASN C 98 12.01 -23.81 -37.29
N TYR C 99 11.14 -24.80 -37.21
CA TYR C 99 11.08 -25.83 -38.25
C TYR C 99 9.67 -26.41 -38.17
N ARG C 100 8.80 -26.02 -39.11
CA ARG C 100 7.38 -26.34 -39.03
C ARG C 100 6.76 -25.77 -37.75
N GLY C 101 7.08 -24.52 -37.46
CA GLY C 101 6.65 -23.88 -36.23
C GLY C 101 7.78 -23.77 -35.22
N PHE C 102 7.55 -22.93 -34.21
CA PHE C 102 8.48 -22.77 -33.09
C PHE C 102 8.27 -23.95 -32.13
N ALA C 103 8.93 -25.06 -32.44
CA ALA C 103 8.73 -26.28 -31.66
C ALA C 103 9.56 -26.30 -30.38
N TYR C 104 10.72 -25.64 -30.39
CA TYR C 104 11.64 -25.66 -29.26
C TYR C 104 11.97 -24.24 -28.85
N TRP C 105 11.71 -23.94 -27.59
CA TRP C 105 11.96 -22.62 -27.02
C TRP C 105 12.94 -22.73 -25.86
N GLY C 106 13.64 -21.65 -25.60
CA GLY C 106 14.30 -21.49 -24.33
C GLY C 106 13.31 -21.12 -23.25
N GLN C 107 13.78 -21.18 -22.00
CA GLN C 107 12.91 -20.81 -20.90
C GLN C 107 12.69 -19.30 -20.80
N GLY C 108 13.48 -18.53 -21.52
CA GLY C 108 13.35 -17.08 -21.54
C GLY C 108 14.15 -16.43 -20.44
N THR C 109 14.73 -15.26 -20.73
CA THR C 109 15.42 -14.46 -19.74
C THR C 109 14.68 -13.13 -19.61
N LEU C 110 14.43 -12.71 -18.38
CA LEU C 110 13.68 -11.49 -18.10
C LEU C 110 14.64 -10.32 -18.00
N VAL C 111 14.40 -9.28 -18.80
CA VAL C 111 15.18 -8.05 -18.75
C VAL C 111 14.26 -6.94 -18.26
N THR C 112 14.67 -6.29 -17.18
CA THR C 112 13.96 -5.14 -16.64
C THR C 112 14.75 -3.89 -17.01
N VAL C 113 14.12 -2.99 -17.76
CA VAL C 113 14.72 -1.71 -18.10
C VAL C 113 14.27 -0.73 -17.03
N SER C 114 15.18 -0.39 -16.11
CA SER C 114 14.80 0.43 -14.97
C SER C 114 16.04 1.06 -14.35
N ALA C 115 15.84 2.27 -13.81
CA ALA C 115 16.88 2.95 -13.06
C ALA C 115 16.94 2.51 -11.60
N ALA C 116 15.93 1.79 -11.12
CA ALA C 116 15.94 1.28 -9.75
C ALA C 116 17.19 0.42 -9.53
N LYS C 117 17.48 0.17 -8.25
CA LYS C 117 18.74 -0.45 -7.88
C LYS C 117 18.51 -1.86 -7.35
N THR C 118 19.39 -2.77 -7.72
CA THR C 118 19.28 -4.15 -7.26
C THR C 118 19.25 -4.19 -5.74
N THR C 119 18.28 -4.89 -5.19
CA THR C 119 18.14 -5.06 -3.76
C THR C 119 17.78 -6.51 -3.47
N ALA C 120 18.48 -7.12 -2.54
CA ALA C 120 18.16 -8.50 -2.22
C ALA C 120 16.92 -8.56 -1.34
N PRO C 121 16.16 -9.65 -1.43
CA PRO C 121 14.95 -9.76 -0.62
C PRO C 121 15.25 -10.11 0.83
N SER C 122 14.34 -9.67 1.70
CA SER C 122 14.28 -10.13 3.07
C SER C 122 13.25 -11.24 3.11
N VAL C 123 13.65 -12.41 3.62
CA VAL C 123 12.81 -13.60 3.60
C VAL C 123 12.42 -13.94 5.03
N TYR C 124 11.11 -14.04 5.27
CA TYR C 124 10.57 -14.25 6.60
C TYR C 124 9.74 -15.52 6.63
N PRO C 125 9.93 -16.39 7.63
CA PRO C 125 9.07 -17.56 7.76
C PRO C 125 7.76 -17.20 8.44
N LEU C 126 6.67 -17.78 7.96
CA LEU C 126 5.33 -17.50 8.45
C LEU C 126 4.73 -18.80 9.01
N ALA C 127 4.83 -18.98 10.32
CA ALA C 127 4.21 -20.14 10.94
C ALA C 127 2.77 -19.85 11.31
N PRO C 128 1.96 -20.88 11.52
CA PRO C 128 0.55 -20.66 11.87
C PRO C 128 0.43 -19.91 13.19
N VAL C 129 -0.76 -19.35 13.40
CA VAL C 129 -1.00 -18.67 14.67
C VAL C 129 -0.79 -19.65 15.83
N CYS C 130 -0.63 -19.09 17.02
CA CYS C 130 -0.53 -19.85 18.25
C CYS C 130 -1.89 -20.38 18.69
N GLY C 131 -1.85 -21.35 19.60
CA GLY C 131 -3.01 -22.13 20.00
C GLY C 131 -3.09 -23.48 19.33
N ASP C 132 -2.94 -24.53 20.12
CA ASP C 132 -2.88 -25.91 19.62
C ASP C 132 -4.25 -26.55 19.45
N THR C 133 -5.17 -25.87 18.78
CA THR C 133 -6.41 -26.52 18.37
C THR C 133 -6.15 -27.60 17.32
N THR C 134 -4.99 -27.57 16.66
CA THR C 134 -4.59 -28.57 15.68
C THR C 134 -5.47 -28.51 14.42
N GLY C 135 -6.71 -28.95 14.54
CA GLY C 135 -7.58 -29.03 13.37
C GLY C 135 -7.30 -30.26 12.54
N SER C 136 -7.50 -30.12 11.24
CA SER C 136 -7.34 -31.22 10.27
C SER C 136 -6.23 -30.98 9.27
N SER C 137 -5.90 -29.72 8.96
CA SER C 137 -4.86 -29.38 8.01
C SER C 137 -4.13 -28.14 8.51
N VAL C 138 -2.97 -27.88 7.93
CA VAL C 138 -2.13 -26.77 8.36
C VAL C 138 -1.60 -26.03 7.13
N THR C 139 -1.43 -24.72 7.27
CA THR C 139 -0.94 -23.89 6.19
C THR C 139 0.19 -23.00 6.70
N LEU C 140 1.32 -23.04 6.00
CA LEU C 140 2.46 -22.20 6.29
C LEU C 140 2.64 -21.19 5.16
N GLY C 141 3.56 -20.26 5.36
CA GLY C 141 3.80 -19.22 4.38
C GLY C 141 5.22 -18.73 4.42
N CYS C 142 5.58 -17.96 3.41
CA CYS C 142 6.92 -17.43 3.26
C CYS C 142 6.80 -16.06 2.61
N LEU C 143 7.31 -15.03 3.27
CA LEU C 143 7.22 -13.65 2.79
C LEU C 143 8.56 -13.18 2.27
N VAL C 144 8.60 -12.81 0.99
CA VAL C 144 9.79 -12.29 0.32
C VAL C 144 9.53 -10.83 0.01
N LYS C 145 10.22 -9.95 0.73
CA LYS C 145 9.92 -8.52 0.70
C LYS C 145 11.14 -7.70 0.31
N GLY C 146 10.87 -6.60 -0.40
CA GLY C 146 11.87 -5.59 -0.64
C GLY C 146 13.01 -6.06 -1.52
N TYR C 147 12.72 -6.46 -2.75
CA TYR C 147 13.76 -6.88 -3.68
C TYR C 147 13.49 -6.28 -5.05
N PHE C 148 14.56 -6.20 -5.84
CA PHE C 148 14.51 -5.68 -7.19
C PHE C 148 15.78 -6.11 -7.87
N PRO C 149 15.75 -6.50 -9.15
CA PRO C 149 14.54 -6.65 -9.97
C PRO C 149 13.96 -8.04 -9.83
N GLU C 150 12.92 -8.35 -10.60
CA GLU C 150 12.51 -9.73 -10.77
C GLU C 150 13.60 -10.46 -11.55
N PRO C 151 13.63 -11.81 -11.49
CA PRO C 151 12.74 -12.66 -10.72
C PRO C 151 13.30 -13.21 -9.43
N VAL C 152 12.48 -13.99 -8.73
CA VAL C 152 12.87 -14.78 -7.58
C VAL C 152 12.38 -16.20 -7.80
N THR C 153 13.13 -17.16 -7.28
CA THR C 153 12.79 -18.58 -7.39
C THR C 153 12.52 -19.10 -5.98
N LEU C 154 11.26 -19.42 -5.70
CA LEU C 154 10.84 -19.93 -4.40
C LEU C 154 10.37 -21.37 -4.52
N THR C 155 10.86 -22.22 -3.62
CA THR C 155 10.42 -23.60 -3.50
C THR C 155 10.27 -23.94 -2.02
N TRP C 156 9.66 -25.09 -1.77
CA TRP C 156 9.39 -25.57 -0.41
C TRP C 156 10.11 -26.92 -0.25
N ASN C 157 10.98 -27.00 0.74
CA ASN C 157 11.83 -28.18 0.93
C ASN C 157 12.55 -28.53 -0.37
N SER C 158 13.18 -27.50 -0.95
CA SER C 158 14.05 -27.65 -2.11
C SER C 158 13.33 -28.19 -3.35
N GLY C 159 12.00 -28.18 -3.34
CA GLY C 159 11.21 -28.64 -4.46
C GLY C 159 10.48 -29.94 -4.22
N SER C 160 10.72 -30.60 -3.09
CA SER C 160 10.05 -31.87 -2.81
C SER C 160 8.58 -31.66 -2.49
N LEU C 161 8.25 -30.53 -1.84
CA LEU C 161 6.88 -30.21 -1.45
C LEU C 161 6.31 -29.25 -2.49
N SER C 162 5.82 -29.82 -3.59
CA SER C 162 5.20 -29.04 -4.66
C SER C 162 3.68 -29.13 -4.67
N SER C 163 3.09 -30.10 -3.98
CA SER C 163 1.64 -30.22 -3.92
C SER C 163 1.08 -29.26 -2.88
N GLY C 164 -0.07 -28.68 -3.20
CA GLY C 164 -0.70 -27.75 -2.28
C GLY C 164 0.06 -26.46 -2.05
N VAL C 165 0.81 -25.99 -3.04
CA VAL C 165 1.57 -24.76 -2.94
C VAL C 165 0.91 -23.70 -3.81
N HIS C 166 0.97 -22.45 -3.34
CA HIS C 166 0.53 -21.29 -4.12
C HIS C 166 1.59 -20.20 -3.96
N THR C 167 2.35 -19.94 -5.01
CA THR C 167 3.32 -18.84 -5.03
C THR C 167 2.68 -17.68 -5.77
N PHE C 168 2.53 -16.56 -5.08
CA PHE C 168 1.73 -15.50 -5.69
C PHE C 168 2.60 -14.53 -6.47
N PRO C 169 2.08 -14.05 -7.60
CA PRO C 169 2.84 -13.07 -8.39
C PRO C 169 3.28 -11.89 -7.52
N ALA C 170 4.49 -11.39 -7.80
CA ALA C 170 5.03 -10.27 -7.05
C ALA C 170 4.33 -8.98 -7.43
N VAL C 171 4.30 -8.04 -6.48
CA VAL C 171 3.74 -6.72 -6.67
C VAL C 171 4.82 -5.69 -6.42
N LEU C 172 4.93 -4.71 -7.31
CA LEU C 172 5.91 -3.64 -7.21
C LEU C 172 5.34 -2.48 -6.41
N GLN C 173 6.08 -2.05 -5.38
CA GLN C 173 5.65 -0.93 -4.53
C GLN C 173 6.90 -0.17 -4.10
N SER C 174 7.07 1.04 -4.64
CA SER C 174 8.20 1.91 -4.28
C SER C 174 9.51 1.31 -4.76
N ASP C 175 9.52 0.85 -6.01
CA ASP C 175 10.72 0.29 -6.64
C ASP C 175 11.22 -0.97 -5.91
N LEU C 176 10.31 -1.68 -5.25
CA LEU C 176 10.68 -2.93 -4.58
C LEU C 176 9.53 -3.92 -4.69
N TYR C 177 9.86 -5.14 -5.10
CA TYR C 177 8.87 -6.19 -5.25
C TYR C 177 8.59 -6.89 -3.91
N THR C 178 7.34 -7.30 -3.75
CA THR C 178 6.93 -8.11 -2.62
C THR C 178 6.18 -9.33 -3.14
N LEU C 179 6.50 -10.49 -2.58
CA LEU C 179 5.95 -11.77 -3.00
C LEU C 179 5.74 -12.65 -1.78
N SER C 180 4.83 -13.61 -1.92
CA SER C 180 4.54 -14.53 -0.85
C SER C 180 4.18 -15.88 -1.45
N SER C 181 4.22 -16.91 -0.60
CA SER C 181 3.86 -18.25 -1.01
C SER C 181 3.30 -19.00 0.19
N SER C 182 2.26 -19.78 -0.04
CA SER C 182 1.64 -20.62 0.97
C SER C 182 1.83 -22.09 0.60
N VAL C 183 1.92 -22.93 1.63
CA VAL C 183 1.99 -24.37 1.45
C VAL C 183 1.10 -25.02 2.50
N THR C 184 0.25 -25.95 2.07
CA THR C 184 -0.69 -26.62 2.95
C THR C 184 -0.34 -28.10 3.00
N VAL C 185 -0.12 -28.61 4.20
CA VAL C 185 0.14 -30.01 4.45
C VAL C 185 -0.85 -30.50 5.50
N THR C 186 -0.82 -31.78 5.81
CA THR C 186 -1.72 -32.32 6.82
C THR C 186 -1.16 -32.03 8.21
N SER C 187 -2.07 -31.94 9.19
CA SER C 187 -1.67 -31.56 10.54
C SER C 187 -0.58 -32.47 11.08
N SER C 188 -0.68 -33.76 10.77
CA SER C 188 0.35 -34.72 11.20
C SER C 188 1.68 -34.46 10.51
N THR C 189 1.70 -33.69 9.43
CA THR C 189 2.91 -33.50 8.65
C THR C 189 3.80 -32.39 9.18
N TRP C 190 3.29 -31.51 10.04
CA TRP C 190 4.06 -30.39 10.54
C TRP C 190 3.55 -30.04 11.92
N PRO C 191 4.44 -29.70 12.88
CA PRO C 191 5.89 -29.59 12.73
C PRO C 191 6.62 -30.92 12.83
N SER C 192 5.89 -32.03 12.90
CA SER C 192 6.50 -33.35 12.94
C SER C 192 7.62 -33.47 11.91
N GLN C 193 7.26 -33.37 10.64
CA GLN C 193 8.23 -33.31 9.56
C GLN C 193 8.63 -31.85 9.33
N SER C 194 9.85 -31.66 8.86
CA SER C 194 10.39 -30.32 8.66
C SER C 194 9.97 -29.76 7.31
N ILE C 195 9.65 -28.46 7.29
CA ILE C 195 9.33 -27.73 6.07
C ILE C 195 10.18 -26.47 6.04
N THR C 196 10.77 -26.19 4.87
CA THR C 196 11.68 -25.06 4.71
C THR C 196 11.32 -24.29 3.44
N CYS C 197 11.41 -22.97 3.53
CA CYS C 197 11.23 -22.09 2.39
C CYS C 197 12.59 -21.79 1.77
N ASN C 198 12.72 -22.05 0.47
CA ASN C 198 13.96 -21.82 -0.28
C ASN C 198 13.72 -20.67 -1.25
N VAL C 199 14.46 -19.58 -1.09
CA VAL C 199 14.29 -18.39 -1.90
C VAL C 199 15.61 -18.03 -2.55
N ALA C 200 15.59 -17.87 -3.87
CA ALA C 200 16.77 -17.49 -4.65
C ALA C 200 16.45 -16.25 -5.46
N HIS C 201 17.28 -15.21 -5.29
CA HIS C 201 17.20 -13.98 -6.09
C HIS C 201 18.53 -13.87 -6.83
N PRO C 202 18.61 -14.36 -8.08
CA PRO C 202 19.91 -14.37 -8.77
C PRO C 202 20.48 -12.99 -9.00
N ALA C 203 19.64 -11.98 -9.23
CA ALA C 203 20.15 -10.64 -9.52
C ALA C 203 21.03 -10.09 -8.40
N SER C 204 20.94 -10.63 -7.19
CA SER C 204 21.80 -10.22 -6.09
C SER C 204 22.62 -11.38 -5.54
N SER C 205 22.69 -12.50 -6.25
CA SER C 205 23.48 -13.65 -5.82
C SER C 205 23.10 -14.08 -4.40
N THR C 206 21.80 -14.05 -4.12
CA THR C 206 21.28 -14.37 -2.80
C THR C 206 20.58 -15.71 -2.84
N LYS C 207 20.84 -16.54 -1.82
CA LYS C 207 20.16 -17.82 -1.68
C LYS C 207 19.99 -18.08 -0.19
N VAL C 208 18.75 -18.05 0.28
CA VAL C 208 18.43 -18.18 1.69
C VAL C 208 17.53 -19.37 1.91
N ASP C 209 17.72 -20.05 3.04
CA ASP C 209 16.87 -21.17 3.45
C ASP C 209 16.36 -20.83 4.85
N LYS C 210 15.09 -20.44 4.96
CA LYS C 210 14.47 -20.12 6.24
C LYS C 210 13.50 -21.25 6.57
N LYS C 211 13.75 -21.92 7.69
CA LYS C 211 12.91 -23.01 8.17
C LYS C 211 11.69 -22.46 8.91
N ILE C 212 10.57 -23.16 8.78
CA ILE C 212 9.33 -22.77 9.44
C ILE C 212 9.27 -23.45 10.80
N GLU C 213 9.49 -22.67 11.86
CA GLU C 213 9.47 -23.18 13.22
C GLU C 213 8.22 -22.69 13.95
N PRO C 214 7.64 -23.49 14.84
CA PRO C 214 6.44 -23.03 15.55
C PRO C 214 6.69 -21.75 16.33
N ARG C 215 5.61 -21.00 16.55
CA ARG C 215 5.68 -19.74 17.27
C ARG C 215 5.75 -19.97 18.77
N GLY C 216 6.67 -19.28 19.42
CA GLY C 216 6.72 -19.27 20.86
C GLY C 216 6.36 -17.89 21.35
N PRO C 217 6.67 -17.59 22.61
CA PRO C 217 6.42 -16.23 23.13
C PRO C 217 7.53 -15.28 22.71
N THR C 218 7.18 -13.99 22.75
CA THR C 218 8.11 -12.94 22.35
C THR C 218 9.30 -12.83 23.30
N GLU D 1 3.08 -4.97 -43.10
CA GLU D 1 3.13 -6.32 -42.47
C GLU D 1 1.74 -6.95 -42.46
N THR D 2 1.70 -8.28 -42.34
CA THR D 2 0.44 -8.99 -42.21
C THR D 2 -0.06 -8.86 -40.76
N THR D 3 -1.28 -8.37 -40.60
CA THR D 3 -1.88 -8.23 -39.28
C THR D 3 -2.69 -9.49 -38.97
N VAL D 4 -2.64 -9.91 -37.71
CA VAL D 4 -3.34 -11.11 -37.25
C VAL D 4 -4.26 -10.71 -36.11
N THR D 5 -5.56 -10.86 -36.33
CA THR D 5 -6.58 -10.50 -35.34
C THR D 5 -7.12 -11.78 -34.73
N GLN D 6 -6.87 -11.97 -33.44
CA GLN D 6 -7.25 -13.17 -32.72
C GLN D 6 -8.43 -12.85 -31.81
N SER D 7 -9.45 -13.70 -31.82
CA SER D 7 -10.65 -13.49 -31.03
C SER D 7 -11.20 -14.85 -30.63
N PRO D 8 -11.86 -14.95 -29.46
CA PRO D 8 -12.03 -13.87 -28.48
C PRO D 8 -10.75 -13.63 -27.70
N ALA D 9 -10.62 -12.46 -27.06
CA ALA D 9 -9.44 -12.21 -26.23
C ALA D 9 -9.49 -13.02 -24.96
N SER D 10 -10.68 -13.26 -24.43
CA SER D 10 -10.87 -14.06 -23.23
C SER D 10 -12.06 -14.98 -23.46
N LEU D 11 -12.04 -16.11 -22.76
CA LEU D 11 -13.03 -17.16 -22.96
C LEU D 11 -13.14 -17.96 -21.67
N SER D 12 -14.37 -18.28 -21.29
CA SER D 12 -14.63 -19.09 -20.11
C SER D 12 -15.67 -20.13 -20.47
N VAL D 13 -15.32 -21.40 -20.28
CA VAL D 13 -16.20 -22.51 -20.65
C VAL D 13 -16.18 -23.56 -19.56
N ALA D 14 -17.31 -24.25 -19.43
CA ALA D 14 -17.36 -25.40 -18.53
C ALA D 14 -16.59 -26.57 -19.13
N THR D 15 -16.12 -27.45 -18.25
CA THR D 15 -15.49 -28.69 -18.71
C THR D 15 -16.45 -29.45 -19.61
N GLY D 16 -15.96 -29.84 -20.78
CA GLY D 16 -16.76 -30.56 -21.74
C GLY D 16 -17.29 -29.73 -22.89
N GLU D 17 -17.38 -28.41 -22.72
CA GLU D 17 -17.81 -27.57 -23.82
C GLU D 17 -16.73 -27.50 -24.89
N LYS D 18 -17.11 -27.03 -26.07
CA LYS D 18 -16.15 -26.86 -27.14
C LYS D 18 -15.58 -25.45 -27.04
N VAL D 19 -14.30 -25.31 -27.35
CA VAL D 19 -13.62 -24.02 -27.37
C VAL D 19 -13.32 -23.69 -28.82
N THR D 20 -13.59 -22.44 -29.19
CA THR D 20 -13.32 -21.97 -30.54
C THR D 20 -12.55 -20.66 -30.48
N ILE D 21 -11.40 -20.63 -31.15
CA ILE D 21 -10.57 -19.44 -31.25
C ILE D 21 -10.29 -19.18 -32.72
N ARG D 22 -10.35 -17.92 -33.12
CA ARG D 22 -10.25 -17.54 -34.51
C ARG D 22 -9.08 -16.58 -34.69
N CYS D 23 -8.36 -16.76 -35.80
CA CYS D 23 -7.32 -15.83 -36.21
C CYS D 23 -7.55 -15.47 -37.67
N ILE D 24 -7.69 -14.18 -37.95
CA ILE D 24 -7.87 -13.66 -39.30
C ILE D 24 -6.61 -12.91 -39.69
N THR D 25 -6.03 -13.27 -40.83
CA THR D 25 -4.86 -12.59 -41.34
C THR D 25 -5.27 -11.58 -42.40
N SER D 26 -4.63 -10.41 -42.36
CA SER D 26 -4.94 -9.34 -43.31
C SER D 26 -4.52 -9.69 -44.73
N THR D 27 -3.61 -10.65 -44.91
CA THR D 27 -3.22 -11.11 -46.23
C THR D 27 -3.32 -12.62 -46.29
N ASP D 28 -3.39 -13.14 -47.51
CA ASP D 28 -3.44 -14.57 -47.74
C ASP D 28 -2.09 -15.20 -47.40
N ILE D 29 -2.09 -16.16 -46.48
CA ILE D 29 -0.85 -16.76 -45.99
C ILE D 29 -0.78 -18.26 -46.26
N ASP D 30 -1.61 -18.77 -47.18
CA ASP D 30 -1.66 -20.21 -47.47
C ASP D 30 -1.95 -20.92 -46.15
N ASP D 31 -1.08 -21.83 -45.69
CA ASP D 31 -1.30 -22.52 -44.42
C ASP D 31 -0.13 -22.34 -43.46
N ASP D 32 0.58 -21.22 -43.56
CA ASP D 32 1.71 -20.92 -42.68
C ASP D 32 1.21 -20.34 -41.36
N MET D 33 0.36 -21.13 -40.70
CA MET D 33 -0.26 -20.80 -39.43
C MET D 33 0.15 -21.83 -38.39
N THR D 34 0.56 -21.38 -37.22
CA THR D 34 0.87 -22.26 -36.11
C THR D 34 0.14 -21.78 -34.87
N TRP D 35 -0.15 -22.70 -33.97
CA TRP D 35 -0.90 -22.42 -32.75
C TRP D 35 -0.11 -22.86 -31.52
N TYR D 36 -0.23 -22.08 -30.45
CA TYR D 36 0.58 -22.27 -29.25
C TYR D 36 -0.28 -22.17 -28.00
N GLN D 37 0.15 -22.87 -26.97
CA GLN D 37 -0.45 -22.86 -25.64
C GLN D 37 0.64 -22.44 -24.68
N GLN D 38 0.37 -21.41 -23.88
CA GLN D 38 1.33 -20.90 -22.91
C GLN D 38 0.70 -20.96 -21.53
N LYS D 39 1.28 -21.76 -20.66
CA LYS D 39 0.87 -21.78 -19.27
C LYS D 39 1.74 -20.81 -18.47
N PRO D 40 1.30 -20.42 -17.27
CA PRO D 40 2.05 -19.39 -16.53
C PRO D 40 3.49 -19.80 -16.27
N GLY D 41 4.40 -18.86 -16.50
CA GLY D 41 5.80 -19.08 -16.22
C GLY D 41 6.54 -19.94 -17.20
N GLU D 42 5.89 -20.45 -18.23
CA GLU D 42 6.50 -21.31 -19.22
C GLU D 42 6.53 -20.63 -20.58
N PRO D 43 7.42 -21.06 -21.48
CA PRO D 43 7.37 -20.58 -22.86
C PRO D 43 6.19 -21.18 -23.60
N PRO D 44 5.77 -20.56 -24.70
CA PRO D 44 4.71 -21.17 -25.51
C PRO D 44 5.08 -22.57 -25.96
N LYS D 45 4.07 -23.42 -26.10
CA LYS D 45 4.20 -24.79 -26.56
C LYS D 45 3.47 -24.93 -27.89
N LEU D 46 4.18 -25.44 -28.90
CA LEU D 46 3.58 -25.61 -30.21
C LEU D 46 2.53 -26.71 -30.18
N LEU D 47 1.33 -26.41 -30.67
CA LEU D 47 0.25 -27.39 -30.76
C LEU D 47 -0.05 -27.80 -32.18
N ILE D 48 -0.05 -26.87 -33.12
CA ILE D 48 -0.48 -27.09 -34.50
C ILE D 48 0.58 -26.51 -35.43
N SER D 49 0.90 -27.25 -36.49
CA SER D 49 1.79 -26.76 -37.52
C SER D 49 1.10 -26.82 -38.88
N GLU D 50 1.56 -25.96 -39.79
CA GLU D 50 0.98 -25.77 -41.11
C GLU D 50 -0.55 -25.75 -41.02
N ALA D 51 -1.08 -25.05 -40.01
CA ALA D 51 -2.49 -24.70 -39.94
C ALA D 51 -3.39 -25.83 -39.44
N THR D 52 -3.06 -27.08 -39.75
CA THR D 52 -3.97 -28.18 -39.42
C THR D 52 -3.30 -29.41 -38.83
N THR D 53 -1.98 -29.52 -38.81
CA THR D 53 -1.31 -30.74 -38.39
C THR D 53 -1.09 -30.74 -36.89
N LEU D 54 -1.78 -31.64 -36.18
CA LEU D 54 -1.58 -31.78 -34.76
C LEU D 54 -0.18 -32.29 -34.47
N ARG D 55 0.51 -31.62 -33.56
CA ARG D 55 1.86 -32.03 -33.21
C ARG D 55 1.82 -33.32 -32.39
N PRO D 56 2.77 -34.23 -32.59
CA PRO D 56 2.76 -35.47 -31.80
C PRO D 56 2.87 -35.17 -30.32
N GLY D 57 2.12 -35.93 -29.52
CA GLY D 57 2.08 -35.70 -28.09
C GLY D 57 1.07 -34.68 -27.65
N VAL D 58 0.31 -34.09 -28.57
CA VAL D 58 -0.74 -33.14 -28.27
C VAL D 58 -2.07 -33.90 -28.26
N PRO D 59 -2.93 -33.70 -27.27
CA PRO D 59 -4.17 -34.50 -27.21
C PRO D 59 -5.00 -34.33 -28.46
N SER D 60 -5.66 -35.41 -28.87
CA SER D 60 -6.51 -35.37 -30.06
C SER D 60 -7.72 -34.46 -29.89
N ARG D 61 -8.02 -34.02 -28.67
CA ARG D 61 -9.08 -33.05 -28.47
C ARG D 61 -8.78 -31.73 -29.17
N PHE D 62 -7.50 -31.43 -29.39
CA PHE D 62 -7.10 -30.21 -30.07
C PHE D 62 -7.09 -30.42 -31.58
N SER D 63 -7.54 -29.41 -32.31
CA SER D 63 -7.54 -29.44 -33.76
C SER D 63 -7.56 -28.01 -34.28
N ALA D 64 -7.26 -27.85 -35.55
CA ALA D 64 -7.26 -26.53 -36.18
C ALA D 64 -7.49 -26.68 -37.66
N SER D 65 -7.98 -25.60 -38.27
CA SER D 65 -8.30 -25.60 -39.69
C SER D 65 -8.02 -24.23 -40.29
N GLY D 66 -7.98 -24.21 -41.61
CA GLY D 66 -7.89 -22.95 -42.35
C GLY D 66 -6.89 -23.01 -43.49
N TYR D 67 -7.15 -22.21 -44.52
CA TYR D 67 -6.23 -22.03 -45.64
C TYR D 67 -6.52 -20.66 -46.24
N GLY D 68 -5.54 -19.77 -46.16
CA GLY D 68 -5.69 -18.45 -46.74
C GLY D 68 -5.66 -17.34 -45.71
N THR D 69 -6.83 -17.02 -45.15
CA THR D 69 -6.94 -15.93 -44.19
C THR D 69 -7.74 -16.26 -42.94
N ASP D 70 -8.62 -17.25 -42.97
CA ASP D 70 -9.50 -17.54 -41.85
C ASP D 70 -9.07 -18.87 -41.24
N PHE D 71 -8.57 -18.83 -40.01
CA PHE D 71 -8.07 -19.99 -39.30
C PHE D 71 -8.78 -20.14 -37.98
N VAL D 72 -9.13 -21.37 -37.63
CA VAL D 72 -9.88 -21.66 -36.42
C VAL D 72 -9.16 -22.77 -35.65
N PHE D 73 -9.02 -22.57 -34.35
CA PHE D 73 -8.44 -23.53 -33.43
C PHE D 73 -9.53 -24.01 -32.48
N THR D 74 -9.62 -25.33 -32.27
CA THR D 74 -10.74 -25.90 -31.54
C THR D 74 -10.28 -26.92 -30.50
N ILE D 75 -10.97 -26.89 -29.35
CA ILE D 75 -10.84 -27.88 -28.30
C ILE D 75 -12.20 -28.54 -28.13
N GLU D 76 -12.28 -29.85 -28.40
CA GLU D 76 -13.57 -30.53 -28.38
C GLU D 76 -14.12 -30.69 -26.96
N ASN D 77 -13.35 -31.30 -26.07
CA ASN D 77 -13.82 -31.64 -24.71
C ASN D 77 -12.91 -30.92 -23.73
N THR D 78 -13.19 -29.64 -23.50
CA THR D 78 -12.30 -28.81 -22.71
C THR D 78 -12.16 -29.36 -21.30
N LEU D 79 -10.93 -29.60 -20.89
CA LEU D 79 -10.59 -30.10 -19.57
C LEU D 79 -9.94 -29.00 -18.73
N SER D 80 -9.86 -29.27 -17.42
CA SER D 80 -9.29 -28.29 -16.50
C SER D 80 -7.87 -27.93 -16.86
N GLU D 81 -7.09 -28.91 -17.33
CA GLU D 81 -5.69 -28.68 -17.67
C GLU D 81 -5.50 -27.80 -18.89
N ASP D 82 -6.58 -27.41 -19.56
CA ASP D 82 -6.48 -26.58 -20.74
C ASP D 82 -6.42 -25.08 -20.44
N VAL D 83 -6.58 -24.68 -19.17
CA VAL D 83 -6.43 -23.27 -18.82
C VAL D 83 -5.03 -22.82 -19.23
N ALA D 84 -4.97 -21.69 -19.95
CA ALA D 84 -3.73 -21.17 -20.49
C ALA D 84 -4.05 -19.98 -21.38
N ASP D 85 -3.01 -19.35 -21.93
CA ASP D 85 -3.14 -18.40 -23.01
C ASP D 85 -2.78 -19.10 -24.32
N TYR D 86 -3.60 -18.90 -25.35
CA TYR D 86 -3.40 -19.51 -26.65
C TYR D 86 -3.09 -18.42 -27.67
N TYR D 87 -2.16 -18.73 -28.58
CA TYR D 87 -1.68 -17.78 -29.56
C TYR D 87 -1.57 -18.44 -30.92
N CYS D 88 -1.87 -17.69 -31.97
CA CYS D 88 -1.60 -18.11 -33.33
C CYS D 88 -0.41 -17.30 -33.86
N LEU D 89 0.15 -17.77 -34.98
CA LEU D 89 1.31 -17.13 -35.55
C LEU D 89 1.33 -17.37 -37.05
N GLN D 90 1.50 -16.31 -37.83
CA GLN D 90 1.69 -16.43 -39.27
C GLN D 90 3.18 -16.37 -39.57
N SER D 91 3.67 -17.35 -40.32
CA SER D 91 5.08 -17.41 -40.73
C SER D 91 5.20 -17.31 -42.26
N ASP D 92 4.26 -16.62 -42.90
CA ASP D 92 4.25 -16.57 -44.35
C ASP D 92 5.23 -15.55 -44.90
N ASN D 93 5.32 -14.38 -44.26
CA ASN D 93 6.18 -13.33 -44.76
C ASN D 93 6.69 -12.48 -43.60
N MET D 94 7.83 -11.87 -43.81
CA MET D 94 8.47 -11.06 -42.78
C MET D 94 7.80 -9.70 -42.69
N PRO D 95 7.61 -9.15 -41.48
CA PRO D 95 7.94 -9.77 -40.19
C PRO D 95 6.87 -10.76 -39.72
N TYR D 96 7.29 -11.88 -39.13
CA TYR D 96 6.35 -12.82 -38.56
C TYR D 96 5.55 -12.11 -37.47
N THR D 97 4.25 -12.42 -37.38
CA THR D 97 3.35 -11.71 -36.49
C THR D 97 2.44 -12.65 -35.72
N PHE D 98 2.31 -12.40 -34.41
CA PHE D 98 1.44 -13.18 -33.54
C PHE D 98 0.05 -12.54 -33.43
N GLY D 99 -0.96 -13.39 -33.24
CA GLY D 99 -2.23 -12.91 -32.74
C GLY D 99 -2.11 -12.36 -31.33
N GLY D 100 -3.12 -11.59 -30.93
CA GLY D 100 -3.12 -10.93 -29.63
C GLY D 100 -3.23 -11.88 -28.46
N GLY D 101 -3.69 -13.10 -28.67
CA GLY D 101 -3.80 -14.09 -27.63
C GLY D 101 -5.22 -14.25 -27.10
N THR D 102 -5.47 -15.41 -26.49
CA THR D 102 -6.76 -15.75 -25.90
C THR D 102 -6.50 -16.40 -24.55
N LYS D 103 -7.06 -15.81 -23.48
CA LYS D 103 -6.98 -16.41 -22.16
C LYS D 103 -8.16 -17.35 -21.97
N LEU D 104 -7.89 -18.61 -21.66
CA LEU D 104 -8.94 -19.61 -21.46
C LEU D 104 -9.05 -19.92 -19.98
N GLU D 105 -10.27 -19.83 -19.45
CA GLU D 105 -10.56 -20.17 -18.06
C GLU D 105 -11.74 -21.13 -18.01
N ILE D 106 -11.84 -21.87 -16.91
CA ILE D 106 -12.82 -22.94 -16.77
C ILE D 106 -13.88 -22.54 -15.76
N LYS D 107 -15.14 -22.81 -16.09
CA LYS D 107 -16.23 -22.72 -15.14
C LYS D 107 -16.30 -24.00 -14.31
N ARG D 108 -16.48 -23.85 -13.01
CA ARG D 108 -16.58 -24.99 -12.12
C ARG D 108 -17.57 -24.70 -11.00
N ALA D 109 -17.72 -25.67 -10.11
CA ALA D 109 -18.60 -25.49 -8.96
C ALA D 109 -18.02 -24.46 -8.00
N ASP D 110 -18.89 -23.79 -7.27
CA ASP D 110 -18.44 -22.82 -6.28
C ASP D 110 -17.60 -23.50 -5.20
N ALA D 111 -16.65 -22.75 -4.66
CA ALA D 111 -15.78 -23.23 -3.58
C ALA D 111 -15.48 -22.08 -2.65
N ALA D 112 -15.70 -22.29 -1.36
CA ALA D 112 -15.38 -21.25 -0.41
C ALA D 112 -13.87 -21.18 -0.19
N PRO D 113 -13.33 -19.99 0.06
CA PRO D 113 -11.89 -19.88 0.29
C PRO D 113 -11.49 -20.48 1.63
N THR D 114 -10.26 -20.95 1.69
CA THR D 114 -9.62 -21.36 2.94
C THR D 114 -8.70 -20.21 3.38
N VAL D 115 -9.03 -19.57 4.49
CA VAL D 115 -8.35 -18.34 4.90
C VAL D 115 -7.37 -18.65 6.02
N SER D 116 -6.19 -18.03 5.94
CA SER D 116 -5.15 -18.18 6.94
C SER D 116 -4.48 -16.83 7.14
N ILE D 117 -4.31 -16.43 8.40
CA ILE D 117 -3.68 -15.17 8.75
C ILE D 117 -2.36 -15.48 9.47
N PHE D 118 -1.35 -14.65 9.21
CA PHE D 118 0.00 -14.88 9.73
C PHE D 118 0.54 -13.62 10.39
N PRO D 119 0.76 -13.61 11.70
CA PRO D 119 1.35 -12.45 12.34
C PRO D 119 2.75 -12.20 11.82
N PRO D 120 3.32 -11.03 12.09
CA PRO D 120 4.69 -10.77 11.64
C PRO D 120 5.66 -11.78 12.24
N SER D 121 6.68 -12.12 11.47
CA SER D 121 7.74 -12.99 11.97
C SER D 121 8.61 -12.21 12.94
N SER D 122 9.30 -12.94 13.82
CA SER D 122 10.23 -12.30 14.74
C SER D 122 11.35 -11.60 13.99
N GLU D 123 11.79 -12.15 12.86
CA GLU D 123 12.90 -11.54 12.13
C GLU D 123 12.52 -10.18 11.57
N GLN D 124 11.27 -10.03 11.09
CA GLN D 124 10.87 -8.75 10.53
C GLN D 124 10.68 -7.71 11.62
N LEU D 125 10.14 -8.11 12.76
CA LEU D 125 9.95 -7.17 13.87
C LEU D 125 11.28 -6.62 14.34
N THR D 126 12.35 -7.41 14.26
CA THR D 126 13.66 -6.93 14.68
C THR D 126 14.12 -5.76 13.82
N SER D 127 13.88 -5.84 12.51
CA SER D 127 14.30 -4.77 11.61
C SER D 127 13.40 -3.54 11.69
N GLY D 128 12.27 -3.62 12.39
CA GLY D 128 11.38 -2.50 12.55
C GLY D 128 10.11 -2.52 11.72
N GLY D 129 9.92 -3.56 10.91
CA GLY D 129 8.70 -3.69 10.13
C GLY D 129 7.77 -4.74 10.67
N ALA D 130 6.49 -4.69 10.29
CA ALA D 130 5.51 -5.66 10.73
C ALA D 130 4.50 -5.86 9.60
N SER D 131 4.52 -7.04 8.98
CA SER D 131 3.59 -7.37 7.91
C SER D 131 2.68 -8.49 8.37
N VAL D 132 1.37 -8.29 8.23
CA VAL D 132 0.37 -9.32 8.47
C VAL D 132 -0.09 -9.85 7.13
N VAL D 133 -0.03 -11.18 6.97
CA VAL D 133 -0.34 -11.83 5.70
C VAL D 133 -1.62 -12.62 5.85
N CYS D 134 -2.47 -12.56 4.84
CA CYS D 134 -3.72 -13.31 4.79
C CYS D 134 -3.77 -14.04 3.47
N PHE D 135 -3.87 -15.36 3.52
CA PHE D 135 -3.98 -16.21 2.34
C PHE D 135 -5.43 -16.65 2.19
N LEU D 136 -5.99 -16.46 1.00
CA LEU D 136 -7.34 -16.89 0.67
C LEU D 136 -7.20 -17.87 -0.50
N ASN D 137 -7.28 -19.17 -0.21
CA ASN D 137 -6.85 -20.21 -1.14
C ASN D 137 -7.99 -21.06 -1.67
N ASN D 138 -7.89 -21.39 -2.96
CA ASN D 138 -8.73 -22.39 -3.61
C ASN D 138 -10.22 -22.04 -3.47
N PHE D 139 -10.58 -20.91 -4.07
CA PHE D 139 -11.98 -20.51 -4.12
C PHE D 139 -12.41 -20.34 -5.58
N TYR D 140 -13.71 -20.37 -5.79
CA TYR D 140 -14.30 -20.13 -7.10
C TYR D 140 -15.72 -19.63 -6.85
N PRO D 141 -16.18 -18.60 -7.59
CA PRO D 141 -15.54 -17.88 -8.70
C PRO D 141 -14.41 -16.95 -8.29
N LYS D 142 -13.77 -16.34 -9.30
CA LYS D 142 -12.57 -15.56 -9.09
C LYS D 142 -12.83 -14.33 -8.23
N ASP D 143 -14.04 -13.77 -8.30
CA ASP D 143 -14.36 -12.54 -7.58
C ASP D 143 -14.36 -12.78 -6.07
N ILE D 144 -13.67 -11.91 -5.33
CA ILE D 144 -13.59 -12.00 -3.89
C ILE D 144 -13.13 -10.67 -3.32
N ASN D 145 -13.40 -10.43 -2.04
CA ASN D 145 -13.04 -9.20 -1.38
C ASN D 145 -12.43 -9.51 -0.02
N VAL D 146 -11.31 -8.86 0.29
CA VAL D 146 -10.64 -9.00 1.58
C VAL D 146 -10.66 -7.65 2.30
N LYS D 147 -11.02 -7.65 3.57
CA LYS D 147 -11.06 -6.47 4.40
C LYS D 147 -10.19 -6.66 5.64
N TRP D 148 -9.25 -5.74 5.87
CA TRP D 148 -8.45 -5.74 7.07
C TRP D 148 -9.11 -4.88 8.15
N LYS D 149 -9.06 -5.37 9.40
CA LYS D 149 -9.58 -4.64 10.54
C LYS D 149 -8.55 -4.66 11.66
N ILE D 150 -8.31 -3.50 12.27
CA ILE D 150 -7.42 -3.36 13.40
C ILE D 150 -8.23 -2.80 14.56
N ASP D 151 -8.31 -3.56 15.65
CA ASP D 151 -9.11 -3.18 16.81
C ASP D 151 -10.54 -2.84 16.40
N GLY D 152 -11.06 -3.58 15.43
CA GLY D 152 -12.41 -3.40 14.95
C GLY D 152 -12.58 -2.34 13.89
N SER D 153 -11.52 -1.64 13.53
CA SER D 153 -11.56 -0.55 12.55
C SER D 153 -10.93 -1.00 11.25
N GLU D 154 -11.60 -0.70 10.13
CA GLU D 154 -11.09 -1.11 8.83
C GLU D 154 -9.80 -0.35 8.50
N ARG D 155 -8.84 -1.07 7.93
CA ARG D 155 -7.55 -0.53 7.52
C ARG D 155 -7.34 -0.78 6.03
N GLN D 156 -7.02 0.28 5.30
CA GLN D 156 -6.87 0.22 3.84
C GLN D 156 -5.45 0.52 3.38
N ASN D 157 -4.80 1.56 3.94
CA ASN D 157 -3.46 1.90 3.50
C ASN D 157 -2.48 0.79 3.87
N GLY D 158 -1.52 0.56 2.98
CA GLY D 158 -0.48 -0.41 3.24
C GLY D 158 -0.81 -1.84 2.87
N VAL D 159 -1.88 -2.06 2.12
CA VAL D 159 -2.33 -3.40 1.74
C VAL D 159 -1.90 -3.69 0.31
N LEU D 160 -1.22 -4.82 0.11
CA LEU D 160 -0.85 -5.30 -1.21
C LEU D 160 -1.51 -6.66 -1.44
N ASN D 161 -2.29 -6.77 -2.51
CA ASN D 161 -3.00 -7.98 -2.86
C ASN D 161 -2.42 -8.58 -4.14
N SER D 162 -2.51 -9.90 -4.25
CA SER D 162 -2.02 -10.61 -5.44
C SER D 162 -2.89 -11.84 -5.63
N TRP D 163 -3.27 -12.09 -6.88
CA TRP D 163 -4.10 -13.24 -7.23
C TRP D 163 -3.30 -14.19 -8.11
N THR D 164 -3.50 -15.49 -7.92
CA THR D 164 -2.91 -16.47 -8.81
C THR D 164 -3.74 -16.61 -10.09
N ASP D 165 -3.13 -17.25 -11.09
CA ASP D 165 -3.89 -17.71 -12.24
C ASP D 165 -4.71 -18.94 -11.85
N GLN D 166 -5.75 -19.21 -12.63
CA GLN D 166 -6.62 -20.34 -12.34
C GLN D 166 -5.83 -21.66 -12.33
N ASP D 167 -6.14 -22.50 -11.34
CA ASP D 167 -5.40 -23.74 -11.13
C ASP D 167 -5.71 -24.76 -12.22
N SER D 168 -4.67 -25.45 -12.68
CA SER D 168 -4.84 -26.43 -13.76
C SER D 168 -5.57 -27.69 -13.29
N LYS D 169 -5.57 -27.97 -11.99
CA LYS D 169 -6.11 -29.22 -11.49
C LYS D 169 -7.53 -29.08 -10.92
N ASP D 170 -7.76 -28.15 -9.99
CA ASP D 170 -9.09 -27.98 -9.40
C ASP D 170 -9.82 -26.74 -9.90
N SER D 171 -9.21 -25.95 -10.78
CA SER D 171 -9.89 -24.83 -11.43
C SER D 171 -10.30 -23.72 -10.46
N THR D 172 -9.62 -23.62 -9.32
CA THR D 172 -9.89 -22.57 -8.35
C THR D 172 -8.90 -21.42 -8.52
N TYR D 173 -9.09 -20.38 -7.71
CA TYR D 173 -8.19 -19.24 -7.63
C TYR D 173 -7.69 -19.11 -6.20
N SER D 174 -6.61 -18.37 -6.03
CA SER D 174 -6.09 -18.06 -4.71
C SER D 174 -5.59 -16.63 -4.68
N MET D 175 -5.52 -16.07 -3.48
CA MET D 175 -5.16 -14.67 -3.30
C MET D 175 -4.40 -14.52 -2.00
N SER D 176 -3.45 -13.58 -1.99
CA SER D 176 -2.75 -13.20 -0.77
C SER D 176 -2.89 -11.70 -0.58
N SER D 177 -3.20 -11.30 0.65
CA SER D 177 -3.28 -9.90 1.04
C SER D 177 -2.28 -9.66 2.16
N THR D 178 -1.46 -8.63 1.99
CA THR D 178 -0.39 -8.34 2.94
C THR D 178 -0.52 -6.89 3.40
N LEU D 179 -0.76 -6.73 4.70
CA LEU D 179 -0.81 -5.43 5.35
C LEU D 179 0.54 -5.18 6.03
N THR D 180 1.23 -4.13 5.60
CA THR D 180 2.55 -3.80 6.12
C THR D 180 2.48 -2.51 6.93
N LEU D 181 2.84 -2.60 8.20
CA LEU D 181 2.93 -1.46 9.10
C LEU D 181 4.37 -1.31 9.60
N THR D 182 4.61 -0.25 10.36
CA THR D 182 5.82 -0.17 11.14
C THR D 182 5.66 -0.96 12.44
N LYS D 183 6.77 -1.46 12.96
CA LYS D 183 6.75 -2.09 14.28
C LYS D 183 6.07 -1.17 15.29
N ASP D 184 6.32 0.13 15.15
CA ASP D 184 5.75 1.12 16.07
C ASP D 184 4.22 1.15 15.96
N GLU D 185 3.68 1.43 14.77
CA GLU D 185 2.23 1.43 14.64
C GLU D 185 1.64 0.05 14.91
N TYR D 186 2.36 -1.02 14.58
CA TYR D 186 1.87 -2.35 14.87
C TYR D 186 1.69 -2.55 16.37
N GLU D 187 2.63 -2.00 17.16
CA GLU D 187 2.57 -2.17 18.61
C GLU D 187 1.50 -1.31 19.27
N ARG D 188 0.96 -0.32 18.57
CA ARG D 188 -0.08 0.53 19.12
C ARG D 188 -1.48 -0.08 19.03
N HIS D 189 -1.61 -1.28 18.46
CA HIS D 189 -2.91 -1.92 18.33
C HIS D 189 -2.83 -3.37 18.80
N ASN D 190 -4.00 -3.98 18.96
CA ASN D 190 -4.12 -5.28 19.62
C ASN D 190 -4.71 -6.35 18.72
N SER D 191 -5.95 -6.20 18.27
CA SER D 191 -6.62 -7.22 17.48
C SER D 191 -6.43 -6.93 15.99
N TYR D 192 -5.97 -7.94 15.25
CA TYR D 192 -5.77 -7.85 13.80
C TYR D 192 -6.60 -8.90 13.09
N THR D 193 -7.27 -8.49 12.01
CA THR D 193 -8.28 -9.32 11.37
C THR D 193 -8.30 -9.10 9.85
N CYS D 194 -8.39 -10.20 9.09
CA CYS D 194 -8.75 -10.14 7.68
C CYS D 194 -10.06 -10.88 7.47
N GLU D 195 -11.02 -10.20 6.83
CA GLU D 195 -12.33 -10.76 6.53
C GLU D 195 -12.44 -11.01 5.03
N ALA D 196 -12.89 -12.20 4.66
CA ALA D 196 -13.06 -12.58 3.26
C ALA D 196 -14.55 -12.65 2.95
N THR D 197 -15.00 -11.86 1.99
CA THR D 197 -16.37 -11.89 1.50
C THR D 197 -16.40 -12.59 0.14
N HIS D 198 -17.16 -13.67 0.05
CA HIS D 198 -17.25 -14.45 -1.17
C HIS D 198 -18.72 -14.83 -1.37
N LYS D 199 -19.07 -15.12 -2.63
CA LYS D 199 -20.45 -15.51 -2.92
C LYS D 199 -20.88 -16.74 -2.13
N THR D 200 -19.95 -17.54 -1.63
CA THR D 200 -20.34 -18.79 -0.99
C THR D 200 -21.03 -18.58 0.35
N SER D 201 -21.04 -17.35 0.87
CA SER D 201 -21.73 -17.07 2.12
C SER D 201 -21.70 -15.57 2.38
N THR D 202 -22.79 -15.06 2.94
CA THR D 202 -22.81 -13.66 3.37
C THR D 202 -22.15 -13.48 4.72
N SER D 203 -22.10 -14.53 5.55
CA SER D 203 -21.26 -14.46 6.73
C SER D 203 -19.81 -14.56 6.27
N PRO D 204 -19.01 -13.51 6.39
CA PRO D 204 -17.63 -13.58 5.87
C PRO D 204 -16.78 -14.50 6.72
N ILE D 205 -15.75 -15.07 6.09
CA ILE D 205 -14.79 -15.89 6.80
C ILE D 205 -13.84 -14.94 7.52
N VAL D 206 -13.75 -15.08 8.84
CA VAL D 206 -12.98 -14.17 9.68
C VAL D 206 -11.81 -14.91 10.28
N LYS D 207 -10.61 -14.35 10.15
CA LYS D 207 -9.42 -14.85 10.81
C LYS D 207 -8.77 -13.69 11.54
N SER D 208 -8.41 -13.91 12.80
CA SER D 208 -7.91 -12.81 13.62
C SER D 208 -6.93 -13.36 14.65
N PHE D 209 -6.18 -12.42 15.25
CA PHE D 209 -5.26 -12.75 16.33
C PHE D 209 -4.99 -11.49 17.13
N ASN D 210 -4.44 -11.68 18.33
CA ASN D 210 -4.04 -10.59 19.20
C ASN D 210 -2.51 -10.52 19.23
N ARG D 211 -1.99 -9.30 19.33
CA ARG D 211 -0.59 -9.06 18.98
C ARG D 211 0.37 -9.95 19.78
N ASN D 212 0.23 -10.00 21.10
CA ASN D 212 1.11 -10.87 21.88
C ASN D 212 0.40 -12.10 22.44
N GLU D 213 -0.38 -12.79 21.63
CA GLU D 213 -1.18 -13.89 22.15
C GLU D 213 -0.40 -15.18 22.34
N CYS D 214 0.90 -15.21 22.06
CA CYS D 214 1.69 -16.42 22.23
C CYS D 214 2.38 -16.41 23.61
#